data_4MSL
#
_entry.id   4MSL
#
_cell.length_a   160.876
_cell.length_b   79.165
_cell.length_c   111.700
_cell.angle_alpha   90.00
_cell.angle_beta   127.27
_cell.angle_gamma   90.00
#
_symmetry.space_group_name_H-M   'C 1 2 1'
#
loop_
_entity.id
_entity.type
_entity.pdbx_description
1 polymer Sortilin
2 branched alpha-D-mannopyranose-(1-6)-beta-D-mannopyranose-(1-4)-2-acetamido-2-deoxy-beta-D-glucopyranose-(1-4)-2-acetamido-2-deoxy-beta-D-glucopyranose
3 branched beta-D-mannopyranose-(1-4)-2-acetamido-2-deoxy-beta-D-glucopyranose-(1-4)-2-acetamido-2-deoxy-beta-D-glucopyranose
4 non-polymer 'TETRAETHYLENE GLYCOL'
5 non-polymer N-[(7-hydroxy-4-methyl-2-oxo-2H-chromen-8-yl)methyl]-L-leucine
6 water water
#
_entity_poly.entity_id   1
_entity_poly.type   'polypeptide(L)'
_entity_poly.pdbx_seq_one_letter_code
;SAPGEDEECGRVRDFVAKLANNTHQHVFDDLRGSVSLSWVGDSTGVILVLTTFHVPLVIMTFGQSKLYRSEDYGKNFKDI
TDLINNTFIRTEFGMAIGPENSGKVVLTAEVSGGSRGGRIFRSSDFAKNFVQTDLPFHPLTQMMYSPQNSDYLLALSTEN
GLWVSKNFGGKWEEIHKAVCLAKWGSDNTIFFTTYANGSCKADLGALELWRTSDLGKSFKTIGVKIYSFGLGGRFLFASV
MADKDTTRRIHVSTDQGDTWSMAQLPSVGQEQFYSILAANDDMVFMHVDEPGDTGFGTIFTSDDRGIVYSKSLDRHLYTT
TGGETDFTNVTSLRGVYITSVLSEDNSIQTMITFDQGGRWTHLRKPENSECDATAKNKNECSLHIHASYSISQKLNVPMA
PLSEPNAVGIVIAHGSVGDAISVMVPDVYISDDGGYSWTKMLEGPHYYTILDSGGIIVAIEHSSRPINVIKFSTDEGQCW
QTYTFTRDPIYFTGLASEPGARSMNISIWGFTESFLTSQWVSYTIDFKDILERNCEEKDYTIWLAHSTDPEDYEDGCILG
YKEQFLRLRKSSMCQNGRDYVVTKQPSICLCSLEDFLCDFGYYRPENDSKCVEQPELKGHDLEFCLYGREEHLTTNGYRK
IPGDKCQGGVNPVREVKDLKKKCTSNFLSPEKQNSKSNSGSAMIEGRGVGHHHHHH
;
_entity_poly.pdbx_strand_id   A
#
loop_
_chem_comp.id
_chem_comp.type
_chem_comp.name
_chem_comp.formula
2ET non-polymer N-[(7-hydroxy-4-methyl-2-oxo-2H-chromen-8-yl)methyl]-L-leucine 'C17 H21 N O5'
BMA D-saccharide, beta linking beta-D-mannopyranose 'C6 H12 O6'
MAN D-saccharide, alpha linking alpha-D-mannopyranose 'C6 H12 O6'
NAG D-saccharide, beta linking 2-acetamido-2-deoxy-beta-D-glucopyranose 'C8 H15 N O6'
PG4 non-polymer 'TETRAETHYLENE GLYCOL' 'C8 H18 O5'
#
# COMPACT_ATOMS: atom_id res chain seq x y z
N CYS A 9 -2.16 34.02 -14.12
CA CYS A 9 -3.05 33.57 -13.06
C CYS A 9 -2.68 34.18 -11.71
N GLY A 10 -1.80 33.52 -10.99
CA GLY A 10 -1.37 34.00 -9.68
C GLY A 10 -0.11 33.31 -9.19
N ARG A 11 0.66 34.00 -8.36
CA ARG A 11 1.92 33.43 -7.81
C ARG A 11 2.23 33.96 -6.39
N VAL A 12 3.40 33.58 -5.87
CA VAL A 12 3.91 34.05 -4.57
C VAL A 12 4.95 35.14 -4.82
N ARG A 13 5.01 36.13 -3.94
CA ARG A 13 5.90 37.25 -4.19
C ARG A 13 7.18 37.21 -3.36
N ASP A 14 8.27 37.66 -3.98
CA ASP A 14 9.58 37.76 -3.33
C ASP A 14 10.08 36.43 -2.80
N PHE A 15 9.59 35.34 -3.36
CA PHE A 15 9.84 34.01 -2.80
C PHE A 15 11.32 33.65 -2.76
N VAL A 16 12.07 34.18 -3.71
CA VAL A 16 13.46 33.80 -3.89
C VAL A 16 14.26 34.03 -2.63
N ALA A 17 14.07 35.21 -2.05
CA ALA A 17 14.70 35.57 -0.79
C ALA A 17 14.23 34.63 0.32
N LYS A 18 12.97 34.18 0.24
CA LYS A 18 12.38 33.37 1.29
C LYS A 18 12.96 31.97 1.29
N LEU A 19 13.34 31.49 0.11
CA LEU A 19 13.96 30.18 0.00
C LEU A 19 15.49 30.23 0.05
N ALA A 20 16.04 31.44 -0.02
CA ALA A 20 17.48 31.61 -0.06
C ALA A 20 18.14 31.08 1.21
N ASN A 21 17.74 31.63 2.36
CA ASN A 21 18.32 31.25 3.63
C ASN A 21 17.86 29.87 4.11
N ASN A 22 16.82 29.35 3.47
CA ASN A 22 16.25 28.06 3.85
C ASN A 22 16.72 26.88 3.02
N THR A 23 17.50 27.14 1.98
CA THR A 23 18.04 26.05 1.20
C THR A 23 19.30 25.60 1.91
N HIS A 24 19.35 24.33 2.29
CA HIS A 24 20.50 23.85 3.05
C HIS A 24 21.23 22.70 2.36
N GLN A 25 22.43 22.97 1.86
CA GLN A 25 23.22 21.95 1.20
C GLN A 25 24.02 21.11 2.17
N HIS A 26 24.05 19.80 1.94
CA HIS A 26 24.97 18.93 2.65
C HIS A 26 25.63 18.01 1.67
N VAL A 27 26.97 18.04 1.63
CA VAL A 27 27.75 17.17 0.77
C VAL A 27 28.12 15.89 1.51
N PHE A 28 28.00 14.77 0.82
CA PHE A 28 28.17 13.48 1.46
C PHE A 28 29.53 12.79 1.31
N ASP A 29 30.49 13.46 0.69
CA ASP A 29 31.86 12.93 0.61
C ASP A 29 31.83 11.47 0.19
N ASP A 30 32.48 10.61 0.99
CA ASP A 30 32.55 9.19 0.66
C ASP A 30 31.16 8.59 0.65
N LEU A 31 30.77 8.07 -0.52
CA LEU A 31 29.52 7.37 -0.66
C LEU A 31 29.63 6.48 -1.90
N ARG A 32 29.08 5.26 -1.81
CA ARG A 32 29.09 4.31 -2.92
C ARG A 32 28.08 3.19 -2.72
N GLY A 33 27.75 2.47 -3.79
CA GLY A 33 27.04 1.22 -3.65
C GLY A 33 25.63 1.42 -3.19
N SER A 34 25.18 0.52 -2.33
CA SER A 34 23.84 0.63 -1.81
C SER A 34 23.72 1.83 -0.87
N VAL A 35 22.74 2.68 -1.15
CA VAL A 35 22.42 3.82 -0.31
C VAL A 35 21.02 3.66 0.23
N SER A 36 20.92 3.43 1.53
CA SER A 36 19.63 3.31 2.19
C SER A 36 19.36 4.60 2.94
N LEU A 37 18.09 5.01 2.96
CA LEU A 37 17.66 6.16 3.72
C LEU A 37 16.51 5.71 4.61
N SER A 38 16.59 6.01 5.91
CA SER A 38 15.49 5.69 6.82
C SER A 38 15.07 6.87 7.70
N TRP A 39 13.79 7.18 7.73
CA TRP A 39 13.27 8.14 8.67
C TRP A 39 13.10 7.41 9.99
N VAL A 40 13.46 8.06 11.10
CA VAL A 40 13.25 7.42 12.39
C VAL A 40 12.36 8.28 13.27
N GLY A 41 11.11 7.84 13.45
CA GLY A 41 10.14 8.50 14.30
C GLY A 41 9.41 9.61 13.58
N ASP A 42 8.20 9.93 14.03
CA ASP A 42 7.47 11.09 13.52
C ASP A 42 7.79 12.33 14.34
N SER A 43 8.03 13.45 13.68
CA SER A 43 8.20 14.70 14.41
C SER A 43 9.49 14.62 15.23
N THR A 44 10.40 13.74 14.82
CA THR A 44 11.73 13.69 15.41
C THR A 44 12.70 14.43 14.49
N GLY A 45 12.62 14.18 13.20
CA GLY A 45 13.52 14.82 12.26
C GLY A 45 14.71 13.96 11.95
N VAL A 46 14.81 12.84 12.65
CA VAL A 46 15.91 11.90 12.47
C VAL A 46 15.88 11.14 11.15
N ILE A 47 16.99 11.24 10.40
CA ILE A 47 17.15 10.46 9.18
C ILE A 47 18.46 9.68 9.24
N LEU A 48 18.44 8.42 8.83
CA LEU A 48 19.67 7.65 8.73
C LEU A 48 20.00 7.38 7.28
N VAL A 49 21.27 7.61 6.92
CA VAL A 49 21.75 7.24 5.58
C VAL A 49 22.85 6.17 5.67
N LEU A 50 22.57 4.98 5.17
CA LEU A 50 23.54 3.89 5.21
C LEU A 50 24.08 3.59 3.83
N THR A 51 25.41 3.58 3.71
CA THR A 51 26.07 3.27 2.44
C THR A 51 27.07 2.15 2.60
N THR A 52 27.22 1.35 1.55
CA THR A 52 28.20 0.25 1.57
C THR A 52 29.09 0.26 0.33
N PHE A 53 30.36 -0.14 0.51
CA PHE A 53 31.34 -0.14 -0.57
C PHE A 53 31.80 -1.58 -0.76
N HIS A 54 32.36 -1.90 -1.92
CA HIS A 54 32.89 -3.24 -2.14
C HIS A 54 34.14 -3.24 -3.02
N VAL A 55 35.06 -4.17 -2.74
CA VAL A 55 36.30 -4.31 -3.49
C VAL A 55 36.02 -4.66 -4.96
N GLY A 63 33.58 -4.34 1.73
CA GLY A 63 34.29 -3.06 1.79
C GLY A 63 34.03 -2.29 3.08
N GLN A 64 33.55 -1.06 2.94
CA GLN A 64 33.30 -0.19 4.08
C GLN A 64 31.85 0.31 4.11
N SER A 65 31.32 0.51 5.31
CA SER A 65 29.97 1.06 5.47
C SER A 65 30.06 2.41 6.15
N LYS A 66 29.35 3.39 5.61
CA LYS A 66 29.29 4.71 6.22
C LYS A 66 27.87 4.94 6.71
N LEU A 67 27.74 5.60 7.86
CA LEU A 67 26.42 5.85 8.42
C LEU A 67 26.27 7.30 8.86
N TYR A 68 25.25 7.98 8.36
CA TYR A 68 25.07 9.41 8.64
C TYR A 68 23.73 9.63 9.36
N ARG A 69 23.65 10.66 10.19
CA ARG A 69 22.42 10.98 10.91
C ARG A 69 22.11 12.47 10.89
N SER A 70 20.83 12.81 10.75
CA SER A 70 20.35 14.20 10.76
C SER A 70 19.16 14.37 11.69
N GLU A 71 19.19 15.36 12.58
CA GLU A 71 18.04 15.70 13.42
C GLU A 71 17.23 16.86 12.85
N ASP A 72 17.71 17.44 11.75
CA ASP A 72 17.08 18.60 11.10
C ASP A 72 16.16 18.34 9.90
N TYR A 73 15.79 17.09 9.66
CA TYR A 73 15.10 16.67 8.43
C TYR A 73 16.00 16.68 7.20
N GLY A 74 17.28 16.37 7.34
CA GLY A 74 18.19 16.38 6.21
C GLY A 74 18.92 17.69 5.90
N LYS A 75 18.78 18.71 6.73
CA LYS A 75 19.50 19.94 6.46
C LYS A 75 20.98 19.77 6.78
N ASN A 76 21.28 18.99 7.81
CA ASN A 76 22.67 18.67 8.15
C ASN A 76 22.79 17.24 8.62
N PHE A 77 23.85 16.56 8.21
CA PHE A 77 24.12 15.23 8.75
C PHE A 77 25.42 15.23 9.54
N LYS A 78 25.70 14.12 10.21
CA LYS A 78 26.94 13.95 10.95
C LYS A 78 27.36 12.49 10.81
N ASP A 79 28.64 12.25 10.53
CA ASP A 79 29.08 10.88 10.29
C ASP A 79 29.27 10.15 11.62
N ILE A 80 28.37 9.20 11.85
CA ILE A 80 28.33 8.33 13.02
C ILE A 80 28.92 6.92 12.81
N THR A 81 29.59 6.71 11.69
CA THR A 81 30.26 5.44 11.40
C THR A 81 31.13 4.95 12.56
N ASP A 82 31.63 5.89 13.37
CA ASP A 82 32.48 5.53 14.50
C ASP A 82 31.71 4.80 15.59
N LEU A 83 30.39 4.91 15.54
CA LEU A 83 29.51 4.25 16.50
C LEU A 83 29.34 2.77 16.18
N ILE A 84 29.48 2.40 14.92
CA ILE A 84 29.39 1.00 14.52
C ILE A 84 30.75 0.32 14.47
N ASN A 85 31.77 1.02 14.96
CA ASN A 85 33.14 0.52 14.96
C ASN A 85 33.64 0.32 13.53
N ASN A 86 33.18 1.20 12.63
CA ASN A 86 33.55 1.16 11.21
C ASN A 86 33.51 -0.25 10.63
N THR A 87 32.49 -1.03 11.01
CA THR A 87 32.40 -2.40 10.50
C THR A 87 31.47 -2.44 9.31
N PHE A 88 31.32 -3.61 8.72
CA PHE A 88 30.60 -3.71 7.45
C PHE A 88 29.16 -4.18 7.64
N ILE A 89 28.22 -3.33 7.25
CA ILE A 89 26.80 -3.63 7.38
C ILE A 89 26.26 -4.29 6.12
N ARG A 90 25.52 -5.39 6.30
CA ARG A 90 24.91 -6.11 5.20
C ARG A 90 23.63 -5.41 4.79
N THR A 91 23.55 -5.00 3.53
CA THR A 91 22.43 -4.21 3.06
C THR A 91 21.16 -5.00 2.82
N GLU A 92 21.30 -6.31 2.62
CA GLU A 92 20.18 -7.21 2.40
C GLU A 92 19.14 -6.97 3.47
N PHE A 93 19.62 -6.75 4.69
CA PHE A 93 18.78 -6.53 5.84
C PHE A 93 18.51 -5.05 6.10
N GLY A 94 19.22 -4.19 5.39
CA GLY A 94 19.00 -2.75 5.53
C GLY A 94 19.02 -2.29 6.97
N MET A 95 18.18 -1.29 7.26
CA MET A 95 18.06 -0.72 8.59
C MET A 95 16.68 -1.08 9.11
N ALA A 96 16.62 -1.86 10.17
CA ALA A 96 15.31 -2.30 10.62
C ALA A 96 14.80 -1.34 11.69
N ILE A 97 13.78 -0.56 11.34
CA ILE A 97 13.30 0.52 12.20
C ILE A 97 12.09 0.13 13.07
N GLY A 98 12.18 0.42 14.37
CA GLY A 98 11.09 0.14 15.29
C GLY A 98 9.86 0.93 14.92
N PRO A 99 8.69 0.43 15.32
CA PRO A 99 7.41 1.07 14.98
C PRO A 99 7.31 2.45 15.60
N GLU A 100 6.65 3.38 14.91
CA GLU A 100 6.27 4.66 15.50
C GLU A 100 7.46 5.45 16.06
N ASN A 101 7.26 5.98 17.27
CA ASN A 101 8.28 6.77 17.98
C ASN A 101 9.17 5.99 18.94
N SER A 102 9.11 4.66 18.89
CA SER A 102 9.97 3.78 19.70
C SER A 102 11.45 4.11 19.62
N GLY A 103 11.88 4.60 18.47
CA GLY A 103 13.27 4.95 18.27
C GLY A 103 14.18 3.77 18.04
N LYS A 104 13.62 2.58 17.89
CA LYS A 104 14.45 1.39 17.75
C LYS A 104 15.07 1.31 16.35
N VAL A 105 16.37 1.03 16.30
CA VAL A 105 17.10 0.93 15.05
C VAL A 105 18.05 -0.27 15.09
N VAL A 106 17.97 -1.17 14.11
CA VAL A 106 18.82 -2.36 14.11
C VAL A 106 19.53 -2.59 12.80
N LEU A 107 20.85 -2.67 12.84
CA LEU A 107 21.65 -2.93 11.63
C LEU A 107 22.36 -4.27 11.72
N THR A 108 22.49 -4.93 10.59
CA THR A 108 23.09 -6.25 10.57
C THR A 108 24.49 -6.24 9.96
N ALA A 109 25.50 -6.52 10.79
CA ALA A 109 26.88 -6.57 10.34
C ALA A 109 27.23 -7.89 9.66
N GLU A 110 28.20 -7.85 8.76
CA GLU A 110 28.72 -9.07 8.16
C GLU A 110 29.79 -9.66 9.08
N VAL A 111 29.72 -10.97 9.28
CA VAL A 111 30.61 -11.65 10.20
C VAL A 111 31.56 -12.58 9.43
N SER A 112 32.72 -12.85 10.02
CA SER A 112 33.69 -13.79 9.46
C SER A 112 32.99 -15.11 9.17
N GLY A 113 33.44 -15.82 8.14
CA GLY A 113 32.82 -17.07 7.73
C GLY A 113 32.56 -18.06 8.85
N GLY A 114 33.55 -18.27 9.69
CA GLY A 114 33.46 -19.32 10.69
C GLY A 114 32.69 -19.01 11.97
N SER A 115 32.21 -17.78 12.10
CA SER A 115 31.54 -17.32 13.32
C SER A 115 30.38 -18.23 13.67
N ARG A 116 30.14 -18.39 14.98
CA ARG A 116 29.06 -19.24 15.46
C ARG A 116 27.71 -18.61 15.19
N GLY A 117 27.66 -17.29 15.24
CA GLY A 117 26.42 -16.56 15.08
C GLY A 117 26.61 -15.21 14.43
N GLY A 118 25.51 -14.60 14.04
CA GLY A 118 25.55 -13.34 13.33
C GLY A 118 25.86 -12.22 14.29
N ARG A 119 25.76 -10.99 13.84
CA ARG A 119 25.95 -9.88 14.77
C ARG A 119 25.11 -8.68 14.37
N ILE A 120 24.57 -7.99 15.37
CA ILE A 120 23.80 -6.77 15.11
C ILE A 120 24.27 -5.54 15.89
N PHE A 121 23.97 -4.38 15.35
CA PHE A 121 24.24 -3.12 16.03
C PHE A 121 22.89 -2.46 16.27
N ARG A 122 22.54 -2.30 17.54
CA ARG A 122 21.20 -1.85 17.89
C ARG A 122 21.21 -0.57 18.73
N SER A 123 20.20 0.26 18.49
CA SER A 123 20.00 1.50 19.21
C SER A 123 18.52 1.70 19.52
N SER A 124 18.19 1.96 20.77
CA SER A 124 16.83 2.29 21.18
C SER A 124 16.64 3.80 21.34
N ASP A 125 17.73 4.53 21.15
CA ASP A 125 17.82 5.97 21.44
C ASP A 125 17.63 6.90 20.23
N PHE A 126 17.17 6.33 19.12
CA PHE A 126 17.18 6.97 17.79
C PHE A 126 18.57 7.09 17.17
N ALA A 127 19.43 6.10 17.45
CA ALA A 127 20.79 6.06 16.91
C ALA A 127 21.70 7.16 17.45
N LYS A 128 21.51 7.53 18.72
CA LYS A 128 22.50 8.35 19.40
C LYS A 128 23.62 7.47 19.94
N ASN A 129 23.26 6.27 20.39
CA ASN A 129 24.23 5.27 20.82
C ASN A 129 23.77 3.92 20.36
N PHE A 130 24.73 3.07 20.01
CA PHE A 130 24.44 1.74 19.53
C PHE A 130 25.11 0.75 20.45
N VAL A 131 24.63 -0.48 20.43
CA VAL A 131 25.28 -1.54 21.16
C VAL A 131 25.43 -2.76 20.24
N GLN A 132 26.63 -3.31 20.20
CA GLN A 132 26.93 -4.50 19.44
C GLN A 132 26.41 -5.71 20.20
N THR A 133 25.80 -6.65 19.50
CA THR A 133 25.34 -7.87 20.16
C THR A 133 25.57 -9.06 19.27
N ASP A 134 26.28 -10.06 19.78
CA ASP A 134 26.53 -11.27 19.01
C ASP A 134 25.34 -12.21 19.15
N LEU A 135 24.79 -12.65 18.02
CA LEU A 135 23.63 -13.52 18.04
C LEU A 135 24.05 -14.98 18.16
N PRO A 136 23.21 -15.80 18.79
CA PRO A 136 23.34 -17.26 18.82
C PRO A 136 23.15 -17.91 17.45
N PHE A 137 22.69 -17.13 16.47
CA PHE A 137 22.39 -17.67 15.14
C PHE A 137 22.80 -16.73 13.99
N HIS A 138 22.52 -17.17 12.76
CA HIS A 138 22.70 -16.32 11.58
C HIS A 138 21.36 -15.99 10.96
N PRO A 139 21.02 -14.70 10.92
CA PRO A 139 19.72 -14.28 10.42
C PRO A 139 19.54 -14.61 8.95
N LEU A 140 18.42 -15.24 8.64
CA LEU A 140 17.94 -15.40 7.27
C LEU A 140 17.19 -14.16 6.82
N THR A 141 16.57 -13.47 7.78
CA THR A 141 15.65 -12.38 7.48
C THR A 141 15.96 -11.13 8.26
N GLN A 142 15.29 -10.04 7.90
CA GLN A 142 15.39 -8.83 8.69
C GLN A 142 14.66 -9.12 9.98
N MET A 143 15.05 -8.45 11.05
CA MET A 143 14.36 -8.66 12.31
C MET A 143 13.09 -7.86 12.37
N MET A 144 11.99 -8.52 12.74
CA MET A 144 10.67 -7.92 12.73
C MET A 144 10.22 -7.58 14.14
N TYR A 145 9.86 -6.33 14.35
CA TYR A 145 9.36 -5.85 15.65
C TYR A 145 7.89 -6.26 15.83
N SER A 146 7.52 -6.59 17.05
CA SER A 146 6.10 -6.75 17.35
C SER A 146 5.44 -5.37 17.39
N PRO A 147 4.40 -5.17 16.57
CA PRO A 147 3.68 -3.90 16.48
C PRO A 147 3.18 -3.43 17.86
N GLN A 148 2.88 -4.37 18.74
CA GLN A 148 2.45 -4.06 20.09
C GLN A 148 3.59 -3.53 20.95
N ASN A 149 4.68 -4.29 21.00
CA ASN A 149 5.82 -3.96 21.86
C ASN A 149 7.12 -3.93 21.07
N SER A 150 7.71 -2.75 20.95
CA SER A 150 8.90 -2.55 20.13
C SER A 150 10.16 -3.17 20.71
N ASP A 151 10.06 -3.75 21.90
CA ASP A 151 11.18 -4.47 22.50
C ASP A 151 11.13 -5.95 22.13
N TYR A 152 10.06 -6.36 21.45
CA TYR A 152 9.88 -7.75 21.04
C TYR A 152 10.24 -7.94 19.57
N LEU A 153 11.16 -8.86 19.28
CA LEU A 153 11.60 -9.08 17.92
C LEU A 153 11.57 -10.57 17.61
N LEU A 154 11.35 -10.91 16.35
CA LEU A 154 11.56 -12.28 15.94
C LEU A 154 12.37 -12.30 14.66
N ALA A 155 13.10 -13.40 14.45
CA ALA A 155 13.92 -13.55 13.26
C ALA A 155 13.94 -15.01 12.82
N LEU A 156 14.18 -15.24 11.54
CA LEU A 156 14.49 -16.59 11.07
C LEU A 156 15.99 -16.81 10.89
N SER A 157 16.49 -17.90 11.45
CA SER A 157 17.87 -18.30 11.22
C SER A 157 18.03 -18.97 9.85
N THR A 158 19.26 -18.96 9.36
CA THR A 158 19.68 -19.71 8.18
C THR A 158 19.46 -21.20 8.36
N GLU A 159 19.30 -21.63 9.60
CA GLU A 159 19.02 -23.02 9.91
C GLU A 159 17.51 -23.26 9.90
N ASN A 160 16.77 -22.23 9.51
CA ASN A 160 15.31 -22.24 9.52
C ASN A 160 14.76 -22.40 10.92
N GLY A 161 15.45 -21.81 11.89
CA GLY A 161 14.94 -21.75 13.24
C GLY A 161 14.18 -20.45 13.47
N LEU A 162 13.23 -20.46 14.40
CA LEU A 162 12.49 -19.24 14.73
C LEU A 162 12.98 -18.70 16.06
N TRP A 163 13.64 -17.55 16.01
CA TRP A 163 14.21 -16.97 17.21
C TRP A 163 13.44 -15.75 17.65
N VAL A 164 13.31 -15.60 18.96
CA VAL A 164 12.58 -14.49 19.55
C VAL A 164 13.40 -13.78 20.61
N SER A 165 13.32 -12.45 20.63
CA SER A 165 13.94 -11.69 21.69
C SER A 165 12.90 -10.88 22.46
N LYS A 166 12.90 -11.02 23.78
CA LYS A 166 12.03 -10.22 24.63
C LYS A 166 12.65 -8.87 24.97
N ASN A 167 13.96 -8.76 24.90
CA ASN A 167 14.59 -7.45 25.11
C ASN A 167 15.34 -6.94 23.90
N PHE A 168 14.65 -6.37 22.93
CA PHE A 168 15.30 -5.49 21.97
C PHE A 168 16.53 -6.18 21.38
N GLY A 169 16.42 -7.48 21.16
CA GLY A 169 17.49 -8.24 20.53
C GLY A 169 18.69 -8.60 21.39
N GLY A 170 18.63 -8.26 22.67
CA GLY A 170 19.72 -8.56 23.59
C GLY A 170 19.91 -10.04 23.83
N LYS A 171 18.82 -10.73 24.16
CA LYS A 171 18.83 -12.18 24.35
C LYS A 171 17.83 -12.84 23.42
N TRP A 172 18.23 -13.96 22.82
CA TRP A 172 17.38 -14.67 21.85
C TRP A 172 17.12 -16.12 22.23
N GLU A 173 15.89 -16.55 22.01
CA GLU A 173 15.51 -17.93 22.29
C GLU A 173 14.93 -18.55 21.04
N GLU A 174 15.28 -19.81 20.78
CA GLU A 174 14.79 -20.49 19.60
C GLU A 174 13.53 -21.24 20.00
N ILE A 175 12.38 -20.75 19.54
CA ILE A 175 11.09 -21.33 19.95
C ILE A 175 10.56 -22.51 19.11
N HIS A 176 11.01 -22.62 17.87
CA HIS A 176 10.68 -23.77 17.03
C HIS A 176 11.79 -24.00 16.02
N LYS A 177 12.12 -25.25 15.72
CA LYS A 177 13.32 -25.51 14.92
C LYS A 177 13.12 -25.63 13.39
N ALA A 178 11.88 -25.73 12.94
CA ALA A 178 11.63 -25.72 11.49
C ALA A 178 10.50 -24.75 11.16
N VAL A 179 10.84 -23.67 10.47
CA VAL A 179 9.85 -22.66 10.12
C VAL A 179 10.12 -22.13 8.73
N CYS A 180 9.08 -22.10 7.92
CA CYS A 180 9.12 -21.50 6.60
C CYS A 180 8.85 -20.01 6.59
N LEU A 181 7.86 -19.59 7.37
CA LEU A 181 7.40 -18.21 7.37
C LEU A 181 6.83 -17.87 8.74
N ALA A 182 7.09 -16.64 9.22
CA ALA A 182 6.63 -16.23 10.55
C ALA A 182 6.22 -14.76 10.62
N LYS A 183 5.11 -14.47 11.30
CA LYS A 183 4.56 -13.12 11.33
C LYS A 183 3.99 -12.70 12.69
N TRP A 184 4.13 -11.41 13.02
CA TRP A 184 3.50 -10.87 14.20
C TRP A 184 2.05 -10.53 13.94
N GLY A 185 1.16 -10.99 14.80
CA GLY A 185 -0.22 -10.56 14.77
C GLY A 185 -0.44 -9.45 15.78
N SER A 186 -1.69 -9.23 16.14
CA SER A 186 -2.01 -8.29 17.21
C SER A 186 -1.66 -8.95 18.53
N ASP A 187 -1.46 -8.13 19.57
CA ASP A 187 -1.21 -8.63 20.92
C ASP A 187 -0.03 -9.62 21.01
N ASN A 188 1.08 -9.29 20.36
CA ASN A 188 2.32 -10.06 20.46
C ASN A 188 2.16 -11.54 20.08
N THR A 189 1.13 -11.84 19.30
CA THR A 189 0.90 -13.19 18.83
C THR A 189 1.90 -13.49 17.73
N ILE A 190 2.32 -14.73 17.62
CA ILE A 190 3.18 -15.12 16.50
C ILE A 190 2.57 -16.24 15.69
N PHE A 191 2.31 -15.97 14.42
CA PHE A 191 1.90 -17.03 13.51
C PHE A 191 3.11 -17.54 12.71
N PHE A 192 3.23 -18.84 12.54
CA PHE A 192 4.28 -19.37 11.68
C PHE A 192 3.94 -20.72 11.05
N THR A 193 4.57 -20.99 9.92
CA THR A 193 4.41 -22.28 9.26
C THR A 193 5.62 -23.11 9.60
N THR A 194 5.44 -24.43 9.65
CA THR A 194 6.50 -25.38 10.00
C THR A 194 6.54 -26.51 9.02
N TYR A 195 7.67 -27.22 8.96
CA TYR A 195 7.73 -28.43 8.15
C TYR A 195 8.22 -29.59 9.00
N ALA A 196 8.27 -30.77 8.40
CA ALA A 196 8.56 -31.98 9.13
C ALA A 196 9.72 -32.76 8.49
N ASN A 197 9.47 -33.34 7.33
CA ASN A 197 10.46 -34.18 6.66
C ASN A 197 11.68 -33.44 6.18
N GLY A 198 11.46 -32.39 5.39
CA GLY A 198 12.53 -31.78 4.63
C GLY A 198 12.11 -30.40 4.20
N SER A 199 12.83 -29.83 3.24
CA SER A 199 12.80 -28.40 2.98
C SER A 199 11.42 -27.84 2.84
N CYS A 200 11.31 -26.59 3.22
CA CYS A 200 10.11 -25.80 3.04
C CYS A 200 9.60 -25.99 1.62
N LYS A 201 10.51 -25.84 0.66
CA LYS A 201 10.22 -26.05 -0.75
C LYS A 201 9.55 -27.41 -1.02
N ALA A 202 10.12 -28.48 -0.47
CA ALA A 202 9.61 -29.82 -0.70
C ALA A 202 8.23 -30.07 -0.09
N ASP A 203 8.04 -29.56 1.11
CA ASP A 203 6.84 -29.86 1.88
C ASP A 203 5.73 -28.88 1.56
N LEU A 204 5.93 -28.09 0.50
CA LEU A 204 4.96 -27.09 0.11
C LEU A 204 3.59 -27.72 -0.04
N GLY A 205 2.61 -27.18 0.68
CA GLY A 205 1.29 -27.76 0.76
C GLY A 205 1.11 -28.71 1.93
N ALA A 206 2.21 -29.25 2.43
CA ALA A 206 2.19 -30.17 3.57
C ALA A 206 2.54 -29.48 4.89
N LEU A 207 2.78 -28.16 4.81
CA LEU A 207 3.18 -27.37 5.96
C LEU A 207 2.11 -27.31 7.05
N GLU A 208 2.55 -27.19 8.29
CA GLU A 208 1.63 -27.02 9.42
C GLU A 208 1.66 -25.58 9.92
N LEU A 209 0.48 -25.00 10.17
CA LEU A 209 0.41 -23.61 10.63
C LEU A 209 0.21 -23.57 12.13
N TRP A 210 1.11 -22.88 12.83
CA TRP A 210 1.07 -22.82 14.28
C TRP A 210 0.89 -21.40 14.78
N ARG A 211 0.47 -21.29 16.05
CA ARG A 211 0.28 -19.99 16.70
C ARG A 211 0.77 -20.06 18.14
N THR A 212 1.40 -18.97 18.57
CA THR A 212 1.81 -18.79 19.95
C THR A 212 1.34 -17.42 20.44
N SER A 213 0.73 -17.39 21.62
CA SER A 213 0.32 -16.12 22.24
C SER A 213 1.14 -15.76 23.48
N ASP A 214 2.03 -16.66 23.86
CA ASP A 214 2.92 -16.47 25.01
C ASP A 214 4.38 -16.14 24.67
N LEU A 215 4.66 -15.92 23.38
CA LEU A 215 6.03 -15.87 22.89
C LEU A 215 6.84 -17.18 23.04
N GLY A 216 6.21 -18.30 22.70
CA GLY A 216 6.88 -19.58 22.61
C GLY A 216 6.83 -20.54 23.81
N LYS A 217 6.08 -20.17 24.83
CA LYS A 217 5.78 -21.03 25.96
C LYS A 217 4.86 -22.19 25.57
N SER A 218 3.86 -21.91 24.76
CA SER A 218 2.93 -22.92 24.29
C SER A 218 2.49 -22.65 22.85
N PHE A 219 2.20 -23.71 22.12
CA PHE A 219 1.78 -23.55 20.73
C PHE A 219 0.48 -24.29 20.46
N LYS A 220 -0.22 -23.83 19.43
CA LYS A 220 -1.41 -24.51 18.95
C LYS A 220 -1.30 -24.58 17.45
N THR A 221 -1.49 -25.77 16.87
CA THR A 221 -1.36 -25.88 15.43
C THR A 221 -2.73 -25.57 14.87
N ILE A 222 -2.85 -24.42 14.22
CA ILE A 222 -4.14 -23.94 13.80
C ILE A 222 -4.43 -24.22 12.35
N GLY A 223 -3.51 -24.90 11.68
CA GLY A 223 -3.76 -25.31 10.31
C GLY A 223 -2.87 -26.45 9.92
N VAL A 224 -3.32 -27.25 8.97
CA VAL A 224 -2.55 -28.36 8.44
C VAL A 224 -2.75 -28.40 6.94
N LYS A 225 -1.92 -29.17 6.23
CA LYS A 225 -1.89 -29.14 4.78
C LYS A 225 -1.75 -27.70 4.27
N ILE A 226 -0.89 -26.92 4.92
CA ILE A 226 -0.76 -25.51 4.58
C ILE A 226 0.20 -25.25 3.40
N TYR A 227 -0.25 -24.38 2.50
CA TYR A 227 0.57 -23.90 1.39
C TYR A 227 1.23 -22.54 1.68
N SER A 228 0.42 -21.58 2.10
CA SER A 228 0.89 -20.24 2.49
C SER A 228 -0.14 -19.54 3.38
N PHE A 229 0.26 -18.49 4.09
CA PHE A 229 -0.71 -17.70 4.85
C PHE A 229 -0.37 -16.23 4.80
N GLY A 230 -1.34 -15.40 5.20
CA GLY A 230 -1.14 -13.96 5.19
C GLY A 230 -2.18 -13.20 5.98
N LEU A 231 -1.84 -12.00 6.42
CA LEU A 231 -2.78 -11.22 7.22
C LEU A 231 -3.20 -9.96 6.53
N GLY A 232 -4.50 -9.66 6.55
CA GLY A 232 -4.93 -8.31 6.30
C GLY A 232 -6.25 -7.99 6.97
N GLY A 233 -6.41 -6.72 7.36
CA GLY A 233 -7.53 -6.35 8.21
C GLY A 233 -7.67 -7.29 9.41
N ARG A 234 -8.91 -7.66 9.74
CA ARG A 234 -9.11 -8.59 10.84
C ARG A 234 -8.88 -10.02 10.39
N PHE A 235 -8.63 -10.20 9.11
CA PHE A 235 -8.59 -11.55 8.56
C PHE A 235 -7.23 -12.23 8.65
N LEU A 236 -7.26 -13.53 8.91
CA LEU A 236 -6.10 -14.38 8.80
C LEU A 236 -6.41 -15.35 7.66
N PHE A 237 -5.66 -15.26 6.56
CA PHE A 237 -5.92 -16.12 5.40
C PHE A 237 -4.93 -17.28 5.37
N ALA A 238 -5.37 -18.45 4.96
CA ALA A 238 -4.45 -19.56 4.72
C ALA A 238 -4.81 -20.26 3.43
N SER A 239 -3.81 -20.58 2.60
CA SER A 239 -4.07 -21.38 1.42
C SER A 239 -3.88 -22.85 1.78
N VAL A 240 -4.86 -23.70 1.46
CA VAL A 240 -4.81 -25.10 1.87
C VAL A 240 -4.95 -26.03 0.65
N MET A 241 -4.16 -27.10 0.60
CA MET A 241 -4.18 -28.01 -0.55
C MET A 241 -5.32 -29.02 -0.41
N ALA A 242 -5.98 -29.35 -1.53
CA ALA A 242 -7.01 -30.38 -1.55
C ALA A 242 -6.39 -31.76 -1.42
N ASP A 243 -7.04 -32.63 -0.64
CA ASP A 243 -6.55 -33.99 -0.37
C ASP A 243 -6.37 -34.80 -1.66
N LYS A 244 -5.20 -35.41 -1.81
CA LYS A 244 -4.82 -36.14 -3.02
C LYS A 244 -5.02 -35.30 -4.29
N ASP A 245 -4.56 -34.06 -4.26
CA ASP A 245 -4.75 -33.15 -5.38
C ASP A 245 -3.61 -32.13 -5.44
N THR A 246 -3.48 -31.51 -6.58
CA THR A 246 -2.46 -30.50 -6.80
C THR A 246 -3.00 -29.06 -6.67
N THR A 247 -4.28 -28.93 -6.30
CA THR A 247 -4.89 -27.59 -6.16
C THR A 247 -5.09 -27.14 -4.72
N ARG A 248 -5.53 -25.91 -4.57
CA ARG A 248 -5.59 -25.30 -3.26
C ARG A 248 -6.63 -24.17 -3.17
N ARG A 249 -6.98 -23.78 -1.96
CA ARG A 249 -8.01 -22.78 -1.83
C ARG A 249 -7.89 -22.01 -0.52
N ILE A 250 -8.54 -20.86 -0.46
CA ILE A 250 -8.43 -19.98 0.70
C ILE A 250 -9.36 -20.35 1.87
N HIS A 251 -8.83 -20.31 3.09
CA HIS A 251 -9.67 -20.38 4.28
C HIS A 251 -9.48 -19.12 5.14
N VAL A 252 -10.53 -18.67 5.81
CA VAL A 252 -10.45 -17.42 6.57
C VAL A 252 -10.69 -17.61 8.04
N SER A 253 -9.94 -16.88 8.86
CA SER A 253 -10.18 -16.85 10.30
C SER A 253 -10.13 -15.45 10.88
N THR A 254 -11.19 -15.08 11.59
CA THR A 254 -11.20 -13.84 12.34
C THR A 254 -10.87 -14.05 13.83
N ASP A 255 -10.78 -15.30 14.25
CA ASP A 255 -10.46 -15.63 15.64
C ASP A 255 -9.00 -15.99 15.93
N GLN A 256 -8.11 -15.72 14.96
CA GLN A 256 -6.69 -16.05 15.06
C GLN A 256 -6.43 -17.54 15.03
N GLY A 257 -7.20 -18.26 14.21
CA GLY A 257 -6.94 -19.66 13.96
C GLY A 257 -7.83 -20.60 14.74
N ASP A 258 -8.52 -20.09 15.75
CA ASP A 258 -9.37 -20.92 16.59
C ASP A 258 -10.45 -21.60 15.74
N THR A 259 -11.12 -20.83 14.89
CA THR A 259 -12.06 -21.40 13.91
C THR A 259 -11.80 -20.91 12.49
N TRP A 260 -12.13 -21.75 11.51
CA TRP A 260 -11.85 -21.46 10.12
C TRP A 260 -13.10 -21.64 9.29
N SER A 261 -13.15 -20.98 8.15
CA SER A 261 -14.23 -21.25 7.20
C SER A 261 -13.70 -21.08 5.79
N MET A 262 -14.13 -21.98 4.90
CA MET A 262 -13.70 -21.94 3.52
C MET A 262 -14.27 -20.73 2.81
N ALA A 263 -13.43 -20.06 2.03
CA ALA A 263 -13.83 -18.86 1.31
C ALA A 263 -14.66 -19.20 0.07
N GLN A 264 -15.40 -18.22 -0.42
CA GLN A 264 -16.31 -18.40 -1.54
C GLN A 264 -15.57 -18.33 -2.88
N LEU A 265 -14.26 -18.32 -2.82
CA LEU A 265 -13.42 -18.19 -4.02
C LEU A 265 -13.17 -19.49 -4.74
N PRO A 266 -12.80 -19.41 -6.03
CA PRO A 266 -12.41 -20.64 -6.75
C PRO A 266 -11.10 -21.19 -6.20
N SER A 267 -10.93 -22.50 -6.36
CA SER A 267 -9.64 -23.11 -6.13
C SER A 267 -8.70 -22.77 -7.29
N VAL A 268 -7.39 -22.95 -7.07
CA VAL A 268 -6.39 -22.67 -8.10
C VAL A 268 -5.36 -23.78 -8.16
N GLY A 269 -4.67 -23.90 -9.30
CA GLY A 269 -3.58 -24.87 -9.42
C GLY A 269 -2.28 -24.22 -9.00
N GLN A 270 -1.17 -24.92 -9.21
CA GLN A 270 0.12 -24.45 -8.72
C GLN A 270 0.70 -23.28 -9.50
N GLU A 271 0.35 -23.17 -10.77
CA GLU A 271 0.80 -22.05 -11.57
C GLU A 271 -0.01 -20.79 -11.25
N GLN A 272 -1.15 -21.01 -10.62
CA GLN A 272 -2.03 -19.95 -10.16
C GLN A 272 -1.68 -19.38 -8.78
N PHE A 273 -2.06 -18.13 -8.51
CA PHE A 273 -1.88 -17.60 -7.14
C PHE A 273 -3.07 -16.76 -6.63
N TYR A 274 -3.11 -16.52 -5.32
CA TYR A 274 -4.00 -15.52 -4.73
C TYR A 274 -3.17 -14.34 -4.26
N SER A 275 -3.75 -13.14 -4.29
CA SER A 275 -3.10 -11.99 -3.69
C SER A 275 -4.11 -11.07 -2.99
N ILE A 276 -3.72 -10.55 -1.82
CA ILE A 276 -4.58 -9.63 -1.09
C ILE A 276 -4.22 -8.30 -1.69
N LEU A 277 -5.13 -7.67 -2.41
CA LEU A 277 -4.76 -6.41 -2.98
C LEU A 277 -4.87 -5.32 -1.93
N ALA A 278 -5.89 -5.38 -1.10
CA ALA A 278 -6.03 -4.41 -0.03
C ALA A 278 -6.92 -5.01 1.02
N ALA A 279 -6.67 -4.67 2.28
CA ALA A 279 -7.51 -5.19 3.33
C ALA A 279 -7.59 -4.14 4.42
N ASN A 280 -8.80 -4.06 4.97
CA ASN A 280 -9.25 -3.05 5.92
C ASN A 280 -10.27 -3.67 6.87
N ASP A 281 -10.52 -3.01 7.99
CA ASP A 281 -11.28 -3.61 9.07
C ASP A 281 -12.60 -4.21 8.58
N ASP A 282 -13.10 -3.66 7.48
CA ASP A 282 -14.33 -4.14 6.85
C ASP A 282 -14.22 -5.31 5.87
N MET A 283 -13.18 -5.31 5.02
CA MET A 283 -13.13 -6.26 3.91
C MET A 283 -11.75 -6.44 3.25
N VAL A 284 -11.69 -7.35 2.27
CA VAL A 284 -10.53 -7.45 1.39
C VAL A 284 -10.90 -7.47 -0.09
N PHE A 285 -9.97 -6.96 -0.89
CA PHE A 285 -9.97 -7.18 -2.34
C PHE A 285 -9.03 -8.32 -2.61
N MET A 286 -9.56 -9.44 -3.08
CA MET A 286 -8.75 -10.59 -3.36
C MET A 286 -8.56 -10.67 -4.89
N HIS A 287 -7.31 -10.78 -5.34
CA HIS A 287 -7.01 -11.06 -6.75
C HIS A 287 -6.81 -12.56 -6.94
N VAL A 288 -7.54 -13.17 -7.85
CA VAL A 288 -7.30 -14.58 -8.18
C VAL A 288 -6.71 -14.72 -9.58
N ASP A 289 -5.50 -15.27 -9.68
CA ASP A 289 -4.86 -15.55 -10.98
C ASP A 289 -5.69 -16.45 -11.87
N GLU A 290 -5.81 -16.10 -13.14
CA GLU A 290 -6.47 -16.96 -14.12
C GLU A 290 -5.57 -18.16 -14.47
N PRO A 291 -6.18 -19.33 -14.75
CA PRO A 291 -5.36 -20.49 -15.10
C PRO A 291 -4.62 -20.22 -16.38
N GLY A 292 -3.43 -20.78 -16.52
CA GLY A 292 -2.74 -20.71 -17.78
C GLY A 292 -2.11 -19.39 -18.22
N ASP A 293 -1.22 -18.84 -17.41
CA ASP A 293 -0.26 -17.86 -17.89
C ASP A 293 -0.89 -16.72 -18.67
N THR A 294 -1.93 -16.14 -18.10
CA THR A 294 -2.64 -15.06 -18.72
C THR A 294 -1.95 -13.71 -18.47
N GLY A 295 -1.39 -13.55 -17.27
CA GLY A 295 -0.82 -12.28 -16.86
C GLY A 295 -1.91 -11.38 -16.32
N PHE A 296 -3.06 -12.00 -16.03
CA PHE A 296 -4.20 -11.30 -15.51
C PHE A 296 -5.11 -12.23 -14.73
N GLY A 297 -6.04 -11.62 -14.01
CA GLY A 297 -6.87 -12.31 -13.03
C GLY A 297 -8.17 -11.57 -12.84
N THR A 298 -8.89 -11.97 -11.80
CA THR A 298 -10.17 -11.40 -11.49
C THR A 298 -10.04 -10.91 -10.06
N ILE A 299 -10.59 -9.74 -9.79
CA ILE A 299 -10.61 -9.18 -8.45
C ILE A 299 -11.97 -9.48 -7.82
N PHE A 300 -11.99 -10.02 -6.60
CA PHE A 300 -13.24 -10.20 -5.86
C PHE A 300 -13.22 -9.33 -4.59
N THR A 301 -14.37 -8.76 -4.22
CA THR A 301 -14.42 -8.07 -2.92
C THR A 301 -15.18 -8.97 -1.93
N SER A 302 -14.77 -8.97 -0.66
CA SER A 302 -15.42 -9.88 0.26
C SER A 302 -16.50 -9.17 1.04
N ASP A 303 -17.27 -9.97 1.77
CA ASP A 303 -18.15 -9.45 2.78
C ASP A 303 -17.34 -9.24 4.03
N ASP A 304 -17.99 -8.80 5.10
CA ASP A 304 -17.26 -8.38 6.29
C ASP A 304 -16.77 -9.57 7.11
N ARG A 305 -17.14 -10.77 6.71
CA ARG A 305 -16.56 -11.97 7.31
C ARG A 305 -15.31 -12.47 6.54
N GLY A 306 -15.06 -11.87 5.38
CA GLY A 306 -14.03 -12.35 4.48
C GLY A 306 -14.39 -13.71 3.90
N ILE A 307 -15.61 -14.14 4.13
CA ILE A 307 -16.10 -15.41 3.59
C ILE A 307 -16.74 -15.39 2.20
N VAL A 308 -17.62 -14.41 1.97
CA VAL A 308 -18.43 -14.38 0.73
C VAL A 308 -17.87 -13.37 -0.23
N TYR A 309 -17.67 -13.79 -1.49
CA TYR A 309 -16.98 -12.91 -2.44
C TYR A 309 -17.79 -12.53 -3.67
N SER A 310 -18.05 -11.24 -3.82
CA SER A 310 -18.64 -10.73 -5.03
C SER A 310 -17.54 -10.57 -6.07
N LYS A 311 -17.87 -10.64 -7.35
CA LYS A 311 -16.87 -10.50 -8.39
C LYS A 311 -16.85 -9.07 -8.87
N SER A 312 -15.78 -8.39 -8.54
CA SER A 312 -15.60 -6.99 -8.88
C SER A 312 -15.02 -6.63 -10.25
N LEU A 313 -13.95 -7.32 -10.67
CA LEU A 313 -13.28 -6.92 -11.90
C LEU A 313 -12.61 -8.03 -12.74
N ASP A 314 -12.88 -7.98 -14.04
CA ASP A 314 -12.32 -8.96 -14.96
C ASP A 314 -11.03 -8.48 -15.58
N ARG A 315 -10.18 -9.45 -15.89
CA ARG A 315 -8.96 -9.22 -16.65
C ARG A 315 -8.11 -8.15 -16.01
N HIS A 316 -8.03 -8.24 -14.69
CA HIS A 316 -7.19 -7.36 -13.91
C HIS A 316 -5.72 -7.74 -14.15
N LEU A 317 -4.90 -6.77 -14.53
CA LEU A 317 -3.54 -7.08 -14.89
C LEU A 317 -2.68 -7.33 -13.64
N TYR A 318 -2.15 -8.54 -13.51
CA TYR A 318 -1.16 -8.83 -12.46
C TYR A 318 -0.12 -9.79 -13.03
N THR A 319 1.14 -9.39 -13.20
CA THR A 319 2.10 -10.33 -13.82
C THR A 319 2.54 -11.42 -12.85
N THR A 320 2.76 -12.62 -13.36
CA THR A 320 3.09 -13.77 -12.51
C THR A 320 4.55 -13.72 -12.00
N THR A 321 5.47 -13.34 -12.87
CA THR A 321 6.86 -13.21 -12.46
C THR A 321 7.26 -11.76 -12.33
N GLY A 322 7.84 -11.46 -11.17
CA GLY A 322 8.12 -10.10 -10.78
C GLY A 322 6.77 -9.43 -10.74
N GLY A 323 5.86 -9.97 -9.94
CA GLY A 323 4.45 -9.67 -10.14
C GLY A 323 4.07 -8.24 -9.86
N GLU A 324 3.77 -7.51 -10.94
CA GLU A 324 3.39 -6.11 -10.80
C GLU A 324 1.94 -5.87 -11.22
N THR A 325 1.18 -5.21 -10.34
CA THR A 325 -0.20 -4.82 -10.62
C THR A 325 -0.36 -3.32 -10.33
N ASP A 326 -1.13 -2.62 -11.15
CA ASP A 326 -1.24 -1.18 -11.01
C ASP A 326 -2.25 -0.85 -9.92
N PHE A 327 -2.71 -1.89 -9.22
CA PHE A 327 -3.77 -1.71 -8.25
C PHE A 327 -3.41 -0.68 -7.18
N THR A 328 -4.27 0.31 -7.03
CA THR A 328 -3.94 1.45 -6.22
C THR A 328 -5.11 1.92 -5.34
N ASN A 329 -4.88 1.96 -4.03
CA ASN A 329 -5.78 2.65 -3.15
C ASN A 329 -5.56 4.14 -3.31
N VAL A 330 -6.60 4.86 -3.70
CA VAL A 330 -6.45 6.29 -3.78
C VAL A 330 -6.83 6.75 -2.36
N THR A 331 -5.80 7.11 -1.63
CA THR A 331 -5.91 7.24 -0.20
C THR A 331 -6.48 8.59 0.18
N SER A 332 -6.55 9.52 -0.78
CA SER A 332 -7.06 10.85 -0.49
C SER A 332 -8.59 10.99 -0.67
N LEU A 333 -9.28 9.91 -1.00
CA LEU A 333 -10.75 9.92 -0.93
C LEU A 333 -11.34 8.54 -0.67
N ARG A 334 -12.31 8.46 0.24
CA ARG A 334 -12.87 7.18 0.68
C ARG A 334 -13.57 6.45 -0.45
N GLY A 335 -13.33 5.14 -0.54
CA GLY A 335 -13.94 4.27 -1.54
C GLY A 335 -13.25 4.19 -2.91
N VAL A 336 -12.24 5.02 -3.15
CA VAL A 336 -11.70 5.15 -4.51
C VAL A 336 -10.43 4.33 -4.76
N TYR A 337 -10.48 3.51 -5.81
CA TYR A 337 -9.34 2.70 -6.18
C TYR A 337 -9.18 2.77 -7.70
N ILE A 338 -7.94 2.77 -8.19
CA ILE A 338 -7.71 2.70 -9.64
C ILE A 338 -6.91 1.45 -9.96
N THR A 339 -7.07 0.90 -11.16
CA THR A 339 -6.19 -0.21 -11.56
C THR A 339 -6.13 -0.40 -13.08
N SER A 340 -5.37 -1.40 -13.51
CA SER A 340 -5.22 -1.70 -14.93
C SER A 340 -5.96 -2.96 -15.29
N VAL A 341 -6.58 -2.95 -16.46
CA VAL A 341 -7.20 -4.15 -16.98
C VAL A 341 -6.66 -4.43 -18.38
N LEU A 342 -6.70 -5.70 -18.75
CA LEU A 342 -6.18 -6.08 -20.03
C LEU A 342 -7.36 -6.28 -20.99
N SER A 343 -7.32 -5.59 -22.11
CA SER A 343 -8.42 -5.67 -23.02
C SER A 343 -8.24 -6.83 -23.98
N GLU A 344 -9.24 -7.04 -24.84
CA GLU A 344 -9.23 -8.11 -25.82
C GLU A 344 -8.22 -7.85 -26.93
N ASP A 345 -8.12 -6.59 -27.34
CA ASP A 345 -7.14 -6.12 -28.33
C ASP A 345 -5.72 -6.17 -27.78
N ASN A 346 -5.62 -6.68 -26.55
CA ASN A 346 -4.36 -6.86 -25.86
C ASN A 346 -3.64 -5.55 -25.49
N SER A 347 -4.45 -4.60 -25.05
CA SER A 347 -3.97 -3.28 -24.68
C SER A 347 -4.36 -3.06 -23.22
N ILE A 348 -3.80 -2.04 -22.61
CA ILE A 348 -4.07 -1.82 -21.20
C ILE A 348 -4.87 -0.55 -20.95
N GLN A 349 -5.90 -0.70 -20.12
CA GLN A 349 -6.76 0.44 -19.74
C GLN A 349 -6.88 0.59 -18.26
N THR A 350 -6.82 1.83 -17.82
CA THR A 350 -7.02 2.10 -16.41
C THR A 350 -8.49 2.21 -16.13
N MET A 351 -8.90 1.63 -15.00
CA MET A 351 -10.27 1.75 -14.49
C MET A 351 -10.23 2.32 -13.08
N ILE A 352 -11.33 2.96 -12.71
CA ILE A 352 -11.47 3.53 -11.40
C ILE A 352 -12.81 3.11 -10.80
N THR A 353 -12.83 2.85 -9.49
CA THR A 353 -14.05 2.57 -8.76
C THR A 353 -14.14 3.61 -7.68
N PHE A 354 -15.30 4.23 -7.52
CA PHE A 354 -15.51 5.19 -6.43
C PHE A 354 -16.22 4.58 -5.25
N ASP A 355 -16.79 3.39 -5.44
CA ASP A 355 -17.62 2.75 -4.42
C ASP A 355 -16.97 1.61 -3.63
N GLN A 356 -15.69 1.37 -3.83
CA GLN A 356 -15.03 0.19 -3.25
C GLN A 356 -15.33 -1.05 -4.10
N GLY A 357 -15.32 -0.88 -5.42
CA GLY A 357 -15.35 -2.01 -6.31
C GLY A 357 -16.71 -2.56 -6.66
N GLY A 358 -17.76 -1.78 -6.36
CA GLY A 358 -19.06 -2.15 -6.83
C GLY A 358 -19.21 -1.78 -8.29
N ARG A 359 -18.53 -0.75 -8.73
CA ARG A 359 -18.64 -0.34 -10.11
C ARG A 359 -17.30 0.20 -10.58
N TRP A 360 -16.88 -0.25 -11.74
CA TRP A 360 -15.66 0.29 -12.34
C TRP A 360 -16.01 0.99 -13.65
N THR A 361 -15.22 1.97 -14.01
CA THR A 361 -15.55 2.85 -15.15
C THR A 361 -14.25 3.46 -15.67
N HIS A 362 -14.24 4.03 -16.87
CA HIS A 362 -13.04 4.71 -17.35
C HIS A 362 -12.92 6.06 -16.65
N LEU A 363 -11.68 6.52 -16.46
CA LEU A 363 -11.38 7.82 -15.87
C LEU A 363 -11.68 8.94 -16.85
N ARG A 364 -12.47 9.91 -16.42
CA ARG A 364 -12.83 11.04 -17.25
C ARG A 364 -11.55 11.71 -17.70
N LYS A 365 -11.51 12.18 -18.94
CA LYS A 365 -10.33 12.85 -19.43
C LYS A 365 -10.44 14.34 -19.16
N PRO A 366 -9.30 15.04 -19.08
CA PRO A 366 -9.26 16.49 -18.93
C PRO A 366 -10.06 17.18 -20.01
N GLU A 367 -10.70 18.29 -19.68
CA GLU A 367 -11.55 19.00 -20.63
C GLU A 367 -10.77 19.42 -21.86
N ASN A 368 -9.59 19.97 -21.63
CA ASN A 368 -8.80 20.53 -22.71
C ASN A 368 -7.78 19.56 -23.31
N SER A 369 -7.70 18.36 -22.76
CA SER A 369 -6.77 17.38 -23.32
C SER A 369 -7.22 16.89 -24.69
N GLU A 370 -6.26 16.46 -25.49
CA GLU A 370 -6.53 15.93 -26.82
C GLU A 370 -6.24 14.44 -26.81
N CYS A 371 -7.02 13.70 -27.57
CA CYS A 371 -6.81 12.27 -27.70
C CYS A 371 -5.59 12.02 -28.59
N ASP A 372 -4.91 10.91 -28.27
CA ASP A 372 -3.70 10.45 -28.92
C ASP A 372 -3.99 9.40 -29.97
N ALA A 373 -2.92 8.83 -30.54
CA ALA A 373 -3.05 7.80 -31.56
C ALA A 373 -3.75 6.56 -31.02
N THR A 374 -3.46 6.14 -29.80
CA THR A 374 -4.12 4.96 -29.24
C THR A 374 -5.68 5.05 -29.33
N ALA A 375 -6.19 6.26 -29.53
CA ALA A 375 -7.62 6.49 -29.45
C ALA A 375 -8.26 6.48 -30.81
N LYS A 376 -9.36 5.75 -30.94
CA LYS A 376 -10.00 5.62 -32.24
C LYS A 376 -10.77 6.87 -32.66
N ASN A 377 -11.23 7.64 -31.67
CA ASN A 377 -11.88 8.92 -31.91
C ASN A 377 -11.08 10.05 -31.26
N LYS A 378 -10.75 11.07 -32.05
CA LYS A 378 -9.99 12.21 -31.55
C LYS A 378 -10.75 13.00 -30.50
N ASN A 379 -12.07 13.01 -30.62
CA ASN A 379 -12.91 13.73 -29.67
C ASN A 379 -13.14 12.98 -28.36
N GLU A 380 -13.29 11.66 -28.46
CA GLU A 380 -13.68 10.87 -27.30
C GLU A 380 -12.73 9.76 -26.89
N CYS A 381 -12.13 9.92 -25.71
CA CYS A 381 -11.24 8.94 -25.12
C CYS A 381 -11.20 9.21 -23.63
N SER A 382 -10.30 8.53 -22.91
CA SER A 382 -10.18 8.69 -21.48
C SER A 382 -8.74 8.83 -20.97
N LEU A 383 -8.61 8.99 -19.65
CA LEU A 383 -7.30 9.12 -19.03
C LEU A 383 -6.87 7.77 -18.49
N HIS A 384 -5.62 7.43 -18.73
CA HIS A 384 -5.07 6.17 -18.26
C HIS A 384 -3.82 6.47 -17.43
N ILE A 385 -3.53 5.63 -16.44
CA ILE A 385 -2.52 5.93 -15.45
C ILE A 385 -1.30 5.01 -15.55
N HIS A 386 -0.09 5.60 -15.48
CA HIS A 386 1.16 4.86 -15.46
C HIS A 386 1.45 4.52 -13.99
N ALA A 387 1.73 3.26 -13.72
CA ALA A 387 1.91 2.79 -12.35
C ALA A 387 2.93 1.66 -12.45
N SER A 388 3.05 0.82 -11.41
CA SER A 388 4.10 -0.20 -11.36
C SER A 388 4.32 -0.93 -12.66
N TYR A 389 3.23 -1.25 -13.35
CA TYR A 389 3.37 -2.01 -14.56
C TYR A 389 4.13 -1.24 -15.63
N SER A 390 3.66 -0.03 -15.95
CA SER A 390 4.37 0.83 -16.88
C SER A 390 5.85 0.93 -16.48
N ILE A 391 6.08 1.26 -15.22
CA ILE A 391 7.46 1.39 -14.71
C ILE A 391 8.30 0.14 -15.03
N SER A 392 7.74 -1.03 -14.75
CA SER A 392 8.46 -2.27 -14.89
C SER A 392 8.81 -2.55 -16.34
N GLN A 393 8.01 -2.03 -17.25
CA GLN A 393 8.26 -2.17 -18.67
C GLN A 393 9.14 -1.05 -19.14
N LYS A 394 9.58 -0.21 -18.20
CA LYS A 394 10.68 0.71 -18.49
C LYS A 394 10.27 1.82 -19.48
N LEU A 395 8.99 2.16 -19.43
CA LEU A 395 8.49 3.43 -19.95
C LEU A 395 9.05 4.57 -19.09
N ASN A 396 9.06 5.80 -19.61
CA ASN A 396 9.79 6.83 -18.89
C ASN A 396 8.83 7.38 -17.86
N VAL A 397 8.91 6.79 -16.68
CA VAL A 397 7.97 7.02 -15.59
C VAL A 397 8.73 7.15 -14.28
N PRO A 398 9.03 8.38 -13.84
CA PRO A 398 9.77 8.61 -12.60
C PRO A 398 9.06 8.09 -11.34
N MET A 399 7.75 8.32 -11.22
CA MET A 399 6.99 7.89 -10.03
C MET A 399 5.62 7.31 -10.33
N ALA A 400 5.19 6.41 -9.46
CA ALA A 400 3.84 5.86 -9.49
C ALA A 400 2.84 6.91 -9.01
N PRO A 401 1.55 6.59 -8.98
CA PRO A 401 0.57 7.59 -8.54
C PRO A 401 0.77 7.97 -7.07
N LEU A 402 0.65 9.26 -6.75
CA LEU A 402 0.73 9.70 -5.36
C LEU A 402 -0.58 10.27 -4.82
N SER A 403 -0.93 9.85 -3.61
CA SER A 403 -1.97 10.53 -2.83
C SER A 403 -1.70 10.38 -1.33
N GLU A 404 -2.20 11.33 -0.54
CA GLU A 404 -2.04 11.27 0.90
C GLU A 404 -3.40 11.50 1.58
N PRO A 405 -3.69 10.78 2.68
CA PRO A 405 -5.00 10.90 3.33
C PRO A 405 -5.26 12.27 3.95
N ASN A 406 -4.21 13.02 4.28
CA ASN A 406 -4.39 14.32 4.92
C ASN A 406 -4.51 15.43 3.89
N ALA A 407 -4.32 15.05 2.62
CA ALA A 407 -4.58 15.98 1.54
C ALA A 407 -5.80 15.49 0.81
N VAL A 408 -6.94 16.09 1.11
CA VAL A 408 -8.23 15.55 0.72
C VAL A 408 -8.47 15.71 -0.78
N GLY A 409 -8.91 14.63 -1.42
CA GLY A 409 -9.19 14.62 -2.85
C GLY A 409 -8.01 14.63 -3.81
N ILE A 410 -6.79 14.76 -3.32
CA ILE A 410 -5.70 15.01 -4.25
C ILE A 410 -5.07 13.76 -4.85
N VAL A 411 -4.97 13.70 -6.16
CA VAL A 411 -4.23 12.60 -6.80
C VAL A 411 -3.31 13.09 -7.91
N ILE A 412 -2.06 12.64 -7.87
CA ILE A 412 -1.05 13.03 -8.87
C ILE A 412 -0.46 11.82 -9.55
N ALA A 413 -0.49 11.80 -10.88
CA ALA A 413 -0.03 10.62 -11.64
C ALA A 413 0.48 10.95 -13.03
N HIS A 414 1.49 10.21 -13.49
CA HIS A 414 1.81 10.21 -14.91
C HIS A 414 0.67 9.47 -15.58
N GLY A 415 0.34 9.87 -16.80
CA GLY A 415 -0.73 9.22 -17.50
C GLY A 415 -0.68 9.47 -18.98
N SER A 416 -1.66 8.94 -19.69
CA SER A 416 -1.88 9.32 -21.09
C SER A 416 -3.37 9.39 -21.40
N VAL A 417 -3.71 10.24 -22.35
CA VAL A 417 -5.08 10.44 -22.76
C VAL A 417 -5.29 9.76 -24.14
N GLY A 418 -6.15 8.73 -24.15
CA GLY A 418 -6.48 7.93 -25.33
C GLY A 418 -7.30 6.70 -24.92
N ASP A 419 -7.30 5.65 -25.75
CA ASP A 419 -8.04 4.42 -25.43
C ASP A 419 -7.22 3.38 -24.68
N ALA A 420 -5.93 3.64 -24.52
CA ALA A 420 -5.08 2.72 -23.80
C ALA A 420 -3.86 3.45 -23.26
N ILE A 421 -3.20 2.82 -22.29
CA ILE A 421 -1.90 3.27 -21.83
C ILE A 421 -0.96 3.33 -23.03
N SER A 422 -0.34 4.47 -23.27
CA SER A 422 0.53 4.63 -24.42
C SER A 422 1.98 4.67 -23.98
N VAL A 423 2.85 4.25 -24.87
CA VAL A 423 4.26 4.11 -24.60
C VAL A 423 4.99 5.44 -24.63
N MET A 424 4.32 6.52 -25.01
CA MET A 424 5.00 7.80 -25.16
C MET A 424 5.43 8.42 -23.82
N VAL A 425 6.15 9.55 -23.90
CA VAL A 425 6.68 10.19 -22.70
C VAL A 425 5.59 11.03 -22.03
N PRO A 426 5.13 10.57 -20.86
CA PRO A 426 3.90 11.03 -20.21
C PRO A 426 4.02 12.38 -19.53
N ASP A 427 2.98 13.21 -19.64
CA ASP A 427 2.94 14.39 -18.80
C ASP A 427 2.41 13.96 -17.44
N VAL A 428 2.35 14.93 -16.52
CA VAL A 428 1.81 14.68 -15.19
C VAL A 428 0.41 15.26 -15.08
N TYR A 429 -0.50 14.47 -14.54
CA TYR A 429 -1.88 14.90 -14.33
C TYR A 429 -2.25 14.92 -12.87
N ILE A 430 -3.16 15.84 -12.52
CA ILE A 430 -3.62 15.96 -11.15
C ILE A 430 -5.15 15.96 -11.05
N SER A 431 -5.66 15.60 -9.87
CA SER A 431 -7.09 15.68 -9.56
C SER A 431 -7.23 16.18 -8.13
N ASP A 432 -8.06 17.19 -7.91
CA ASP A 432 -8.33 17.64 -6.54
C ASP A 432 -9.59 17.02 -5.94
N ASP A 433 -10.38 16.35 -6.78
CA ASP A 433 -11.61 15.68 -6.34
C ASP A 433 -11.56 14.16 -6.11
N GLY A 434 -10.39 13.54 -6.15
CA GLY A 434 -10.33 12.12 -5.83
C GLY A 434 -10.52 11.25 -7.07
N GLY A 435 -10.37 11.84 -8.26
CA GLY A 435 -10.34 11.09 -9.49
C GLY A 435 -11.55 11.20 -10.39
N TYR A 436 -12.54 11.99 -10.02
CA TYR A 436 -13.69 12.23 -10.89
C TYR A 436 -13.31 13.12 -12.06
N SER A 437 -12.35 14.02 -11.84
CA SER A 437 -12.00 14.98 -12.88
C SER A 437 -10.52 15.27 -12.81
N TRP A 438 -9.92 15.52 -13.97
CA TRP A 438 -8.47 15.70 -14.04
C TRP A 438 -8.03 16.86 -14.86
N THR A 439 -6.76 17.21 -14.69
CA THR A 439 -6.15 18.30 -15.39
C THR A 439 -4.68 17.95 -15.57
N LYS A 440 -4.07 18.40 -16.66
CA LYS A 440 -2.65 18.20 -16.83
C LYS A 440 -1.95 19.13 -15.86
N MET A 441 -1.17 18.57 -14.94
CA MET A 441 -0.47 19.37 -13.94
C MET A 441 0.79 20.01 -14.55
N LEU A 442 1.58 19.19 -15.23
CA LEU A 442 2.85 19.64 -15.78
C LEU A 442 3.12 18.86 -17.06
N GLU A 443 3.87 19.46 -17.98
CA GLU A 443 4.21 18.72 -19.17
C GLU A 443 5.51 18.02 -18.91
N GLY A 444 5.57 16.75 -19.28
CA GLY A 444 6.79 15.99 -19.12
C GLY A 444 6.85 15.28 -17.78
N PRO A 445 7.66 14.22 -17.72
CA PRO A 445 7.68 13.41 -16.49
C PRO A 445 8.35 14.19 -15.34
N HIS A 446 7.83 14.06 -14.13
CA HIS A 446 8.42 14.75 -12.97
C HIS A 446 8.39 13.84 -11.75
N TYR A 447 9.29 14.08 -10.81
CA TYR A 447 9.13 13.53 -9.46
C TYR A 447 8.28 14.53 -8.68
N TYR A 448 7.33 14.03 -7.90
CA TYR A 448 6.44 14.93 -7.17
C TYR A 448 6.24 14.50 -5.72
N THR A 449 6.00 15.48 -4.85
CA THR A 449 5.77 15.24 -3.42
C THR A 449 4.73 16.23 -2.89
N ILE A 450 4.03 15.83 -1.83
CA ILE A 450 3.07 16.72 -1.14
C ILE A 450 3.55 17.11 0.24
N LEU A 451 3.54 18.41 0.53
CA LEU A 451 3.91 18.92 1.85
C LEU A 451 2.71 19.58 2.53
N ASP A 452 2.76 19.65 3.86
CA ASP A 452 1.77 20.38 4.65
C ASP A 452 0.34 20.04 4.24
N SER A 453 0.05 18.75 4.16
CA SER A 453 -1.31 18.27 3.89
C SER A 453 -1.91 18.95 2.66
N GLY A 454 -1.08 19.17 1.64
CA GLY A 454 -1.57 19.76 0.41
C GLY A 454 -1.38 21.25 0.33
N GLY A 455 -0.79 21.84 1.36
CA GLY A 455 -0.53 23.27 1.36
C GLY A 455 0.53 23.59 0.34
N ILE A 456 1.41 22.62 0.10
CA ILE A 456 2.48 22.79 -0.88
C ILE A 456 2.60 21.53 -1.70
N ILE A 457 2.68 21.71 -3.01
CA ILE A 457 3.05 20.62 -3.90
C ILE A 457 4.37 20.96 -4.54
N VAL A 458 5.28 20.00 -4.57
CA VAL A 458 6.61 20.22 -5.10
C VAL A 458 6.91 19.22 -6.24
N ALA A 459 7.58 19.69 -7.29
CA ALA A 459 7.94 18.85 -8.44
C ALA A 459 9.36 19.09 -9.00
N ILE A 460 10.02 18.00 -9.35
CA ILE A 460 11.33 18.05 -9.96
C ILE A 460 11.27 17.44 -11.36
N GLU A 461 11.74 18.16 -12.36
CA GLU A 461 11.76 17.65 -13.73
C GLU A 461 12.60 16.38 -13.85
N HIS A 462 12.12 15.43 -14.63
CA HIS A 462 12.88 14.22 -14.88
C HIS A 462 13.66 14.38 -16.16
N SER A 463 14.98 14.41 -16.06
CA SER A 463 15.83 14.67 -17.21
C SER A 463 17.00 13.71 -17.36
N SER A 464 17.42 13.50 -18.60
CA SER A 464 18.64 12.75 -18.89
C SER A 464 19.86 13.56 -18.45
N ARG A 465 19.70 14.88 -18.37
CA ARG A 465 20.79 15.79 -18.01
C ARG A 465 20.53 16.52 -16.68
N PRO A 466 21.60 17.00 -16.02
CA PRO A 466 21.48 17.66 -14.70
C PRO A 466 20.47 18.82 -14.59
N ILE A 467 19.95 19.03 -13.38
CA ILE A 467 18.98 20.09 -13.11
C ILE A 467 19.40 20.91 -11.88
N ASN A 468 19.26 22.23 -11.97
CA ASN A 468 19.41 23.12 -10.80
C ASN A 468 18.09 23.61 -10.16
N VAL A 469 16.96 23.12 -10.65
CA VAL A 469 15.68 23.78 -10.34
C VAL A 469 14.60 22.91 -9.68
N ILE A 470 13.84 23.51 -8.75
CA ILE A 470 12.65 22.86 -8.19
C ILE A 470 11.41 23.71 -8.48
N LYS A 471 10.24 23.10 -8.44
CA LYS A 471 9.00 23.79 -8.75
C LYS A 471 7.97 23.58 -7.64
N PHE A 472 7.19 24.60 -7.31
CA PHE A 472 6.19 24.47 -6.25
C PHE A 472 4.86 25.17 -6.55
N SER A 473 3.81 24.69 -5.88
CA SER A 473 2.48 25.28 -5.98
C SER A 473 1.78 25.31 -4.63
N THR A 474 1.21 26.46 -4.26
CA THR A 474 0.43 26.55 -3.03
C THR A 474 -1.07 26.44 -3.28
N ASP A 475 -1.47 26.41 -4.55
CA ASP A 475 -2.87 26.31 -4.98
C ASP A 475 -3.33 24.92 -5.43
N GLU A 476 -2.56 23.89 -5.03
CA GLU A 476 -2.86 22.49 -5.40
C GLU A 476 -2.67 22.22 -6.89
N GLY A 477 -1.65 22.82 -7.46
CA GLY A 477 -1.22 22.47 -8.81
C GLY A 477 -1.78 23.36 -9.92
N GLN A 478 -2.60 24.35 -9.59
CA GLN A 478 -3.20 25.20 -10.61
C GLN A 478 -2.17 26.13 -11.23
N CYS A 479 -1.38 26.84 -10.41
CA CYS A 479 -0.16 27.47 -10.96
C CYS A 479 1.08 27.17 -10.18
N TRP A 480 2.14 27.36 -10.89
CA TRP A 480 3.44 26.95 -10.40
C TRP A 480 4.41 28.09 -10.42
N GLN A 481 5.48 27.90 -9.66
CA GLN A 481 6.60 28.82 -9.65
C GLN A 481 7.88 28.03 -9.69
N THR A 482 8.98 28.72 -9.93
CA THR A 482 10.25 28.06 -10.16
C THR A 482 11.34 28.65 -9.29
N TYR A 483 12.13 27.78 -8.69
CA TYR A 483 13.20 28.17 -7.79
C TYR A 483 14.48 27.46 -8.16
N THR A 484 15.55 28.22 -8.33
CA THR A 484 16.86 27.65 -8.58
C THR A 484 17.52 27.46 -7.22
N PHE A 485 17.72 26.22 -6.82
CA PHE A 485 18.19 25.94 -5.47
C PHE A 485 19.70 25.82 -5.35
N THR A 486 20.39 25.80 -6.48
CA THR A 486 21.85 25.67 -6.49
C THR A 486 22.40 26.31 -7.75
N ARG A 487 23.64 26.78 -7.66
CA ARG A 487 24.39 27.15 -8.85
C ARG A 487 24.92 25.91 -9.57
N ASP A 488 25.58 25.03 -8.81
CA ASP A 488 26.14 23.81 -9.38
C ASP A 488 25.01 22.82 -9.55
N PRO A 489 24.63 22.52 -10.80
CA PRO A 489 23.51 21.60 -11.06
C PRO A 489 23.93 20.16 -10.78
N ILE A 490 22.94 19.31 -10.50
CA ILE A 490 23.21 17.93 -10.11
C ILE A 490 22.42 16.95 -10.97
N TYR A 491 22.80 15.68 -10.91
CA TYR A 491 22.01 14.61 -11.49
C TYR A 491 21.03 14.16 -10.43
N PHE A 492 19.73 14.35 -10.66
CA PHE A 492 18.72 14.05 -9.64
C PHE A 492 18.57 12.56 -9.40
N THR A 493 18.72 12.15 -8.14
CA THR A 493 18.51 10.75 -7.73
C THR A 493 17.31 10.48 -6.80
N GLY A 494 16.56 11.50 -6.39
CA GLY A 494 15.43 11.24 -5.50
C GLY A 494 14.97 12.39 -4.63
N LEU A 495 13.76 12.22 -4.07
CA LEU A 495 13.20 13.12 -3.08
C LEU A 495 13.04 12.36 -1.81
N ALA A 496 13.33 13.02 -0.70
CA ALA A 496 13.00 12.50 0.62
C ALA A 496 12.24 13.56 1.38
N SER A 497 11.17 13.17 2.05
CA SER A 497 10.43 14.08 2.90
C SER A 497 9.71 13.27 3.95
N GLU A 498 9.43 13.87 5.09
CA GLU A 498 8.86 13.14 6.22
C GLU A 498 7.54 12.47 5.84
N PRO A 499 7.49 11.14 6.06
CA PRO A 499 6.27 10.35 5.86
C PRO A 499 5.10 10.98 6.58
N GLY A 500 3.94 10.98 5.92
CA GLY A 500 2.76 11.59 6.44
C GLY A 500 2.44 12.94 5.83
N ALA A 501 3.32 13.44 4.95
CA ALA A 501 3.07 14.68 4.20
C ALA A 501 2.68 15.87 5.07
N ARG A 502 3.22 15.93 6.28
CA ARG A 502 2.96 17.05 7.17
C ARG A 502 4.05 18.12 7.32
N SER A 503 5.22 17.92 6.72
CA SER A 503 6.29 18.87 6.99
C SER A 503 6.31 19.99 5.96
N MET A 504 7.17 20.99 6.17
CA MET A 504 7.50 21.98 5.16
C MET A 504 8.85 21.63 4.52
N ASN A 505 9.46 20.54 5.00
CA ASN A 505 10.83 20.21 4.63
C ASN A 505 10.96 19.13 3.56
N ILE A 506 11.65 19.45 2.47
CA ILE A 506 11.91 18.53 1.35
C ILE A 506 13.41 18.42 0.99
N SER A 507 13.87 17.18 0.81
CA SER A 507 15.25 16.91 0.46
C SER A 507 15.37 16.50 -1.01
N ILE A 508 16.20 17.21 -1.76
CA ILE A 508 16.49 16.86 -3.16
C ILE A 508 17.81 16.13 -3.21
N TRP A 509 17.80 14.89 -3.67
CA TRP A 509 18.99 14.09 -3.66
C TRP A 509 19.60 13.96 -5.06
N GLY A 510 20.93 14.02 -5.12
CA GLY A 510 21.62 13.93 -6.38
C GLY A 510 23.13 13.87 -6.27
N PHE A 511 23.79 13.93 -7.41
CA PHE A 511 25.24 13.93 -7.43
C PHE A 511 25.73 14.84 -8.54
N THR A 512 26.84 15.51 -8.29
CA THR A 512 27.44 16.44 -9.25
C THR A 512 28.19 15.72 -10.37
N GLU A 513 28.44 16.41 -11.49
CA GLU A 513 29.22 15.86 -12.59
C GLU A 513 30.69 15.72 -12.20
N SER A 514 31.29 14.59 -12.55
CA SER A 514 32.71 14.34 -12.31
C SER A 514 33.49 14.60 -13.59
N THR A 517 35.22 11.00 -10.20
CA THR A 517 35.32 11.98 -9.13
C THR A 517 33.93 12.39 -8.63
N SER A 518 32.94 11.54 -8.90
CA SER A 518 31.56 11.81 -8.48
C SER A 518 31.24 11.61 -7.00
N GLN A 519 30.35 12.46 -6.49
CA GLN A 519 29.93 12.43 -5.10
C GLN A 519 28.46 12.83 -4.95
N TRP A 520 27.85 12.46 -3.82
CA TRP A 520 26.45 12.77 -3.58
C TRP A 520 26.23 14.04 -2.80
N VAL A 521 25.18 14.78 -3.12
CA VAL A 521 24.88 15.97 -2.35
C VAL A 521 23.36 15.98 -2.13
N SER A 522 22.89 16.67 -1.09
CA SER A 522 21.45 16.81 -0.86
C SER A 522 21.12 18.23 -0.45
N TYR A 523 20.17 18.84 -1.15
CA TYR A 523 19.74 20.20 -0.82
C TYR A 523 18.37 20.17 -0.12
N THR A 524 18.33 20.44 1.18
CA THR A 524 17.05 20.39 1.87
C THR A 524 16.41 21.77 2.02
N ILE A 525 15.18 21.90 1.54
CA ILE A 525 14.52 23.20 1.50
C ILE A 525 13.38 23.30 2.53
N ASP A 526 13.40 24.40 3.29
CA ASP A 526 12.36 24.67 4.27
C ASP A 526 11.43 25.78 3.77
N PHE A 527 10.16 25.45 3.61
CA PHE A 527 9.17 26.38 3.08
C PHE A 527 8.52 27.23 4.16
N LYS A 528 9.03 27.12 5.39
CA LYS A 528 8.44 27.80 6.55
C LYS A 528 8.19 29.28 6.31
N ASP A 529 9.06 29.91 5.54
CA ASP A 529 8.88 31.31 5.19
C ASP A 529 7.92 31.52 4.02
N ILE A 530 7.97 30.62 3.04
CA ILE A 530 7.05 30.70 1.91
C ILE A 530 5.58 30.81 2.33
N LEU A 531 5.12 29.91 3.18
CA LEU A 531 3.86 30.18 3.86
C LEU A 531 4.21 30.61 5.28
N GLU A 532 4.20 31.91 5.52
CA GLU A 532 4.49 32.46 6.85
C GLU A 532 3.23 32.45 7.69
N ARG A 533 2.10 32.58 7.01
CA ARG A 533 0.80 32.73 7.65
C ARG A 533 0.28 31.35 8.00
N ASN A 534 -0.20 31.20 9.24
CA ASN A 534 -0.88 29.98 9.63
C ASN A 534 -2.32 30.04 9.14
N CYS A 535 -2.79 28.94 8.56
CA CYS A 535 -4.17 28.86 8.11
C CYS A 535 -5.14 29.19 9.25
N GLU A 536 -6.21 29.91 8.93
CA GLU A 536 -7.26 30.13 9.90
C GLU A 536 -8.62 29.79 9.30
N GLU A 537 -9.63 29.75 10.16
CA GLU A 537 -10.95 29.21 9.84
C GLU A 537 -11.51 29.66 8.48
N LYS A 538 -11.43 30.97 8.22
CA LYS A 538 -11.80 31.56 6.92
C LYS A 538 -11.10 30.92 5.71
N ASP A 539 -9.88 30.40 5.91
CA ASP A 539 -9.12 29.84 4.79
C ASP A 539 -9.71 28.54 4.25
N TYR A 540 -10.65 27.97 4.99
CA TYR A 540 -11.27 26.73 4.56
C TYR A 540 -12.66 26.96 4.02
N THR A 541 -13.03 26.17 3.04
CA THR A 541 -14.35 26.23 2.47
C THR A 541 -14.98 24.87 2.58
N ILE A 542 -16.31 24.84 2.58
CA ILE A 542 -17.09 23.60 2.65
C ILE A 542 -17.13 22.87 1.30
N TRP A 543 -16.80 21.59 1.32
CA TRP A 543 -16.76 20.75 0.11
C TRP A 543 -17.36 19.36 0.35
N LEU A 544 -18.45 19.05 -0.35
CA LEU A 544 -19.05 17.71 -0.30
C LEU A 544 -18.22 16.79 -1.17
N ALA A 545 -17.74 15.67 -0.62
CA ALA A 545 -17.05 14.68 -1.44
C ALA A 545 -18.06 13.87 -2.22
N HIS A 546 -17.61 13.33 -3.35
CA HIS A 546 -18.40 12.39 -4.14
C HIS A 546 -19.64 13.04 -4.74
N SER A 547 -19.61 14.33 -5.00
CA SER A 547 -20.75 14.99 -5.61
C SER A 547 -20.86 14.74 -7.11
N THR A 548 -22.08 14.44 -7.56
CA THR A 548 -22.36 14.16 -8.96
C THR A 548 -23.46 15.05 -9.48
N ASP A 549 -24.66 14.91 -8.90
CA ASP A 549 -25.77 15.82 -9.15
C ASP A 549 -26.26 16.49 -7.84
N PRO A 550 -25.95 17.77 -7.67
CA PRO A 550 -26.26 18.47 -6.40
C PRO A 550 -27.77 18.63 -6.11
N GLU A 551 -28.61 18.49 -7.13
CA GLU A 551 -30.05 18.55 -6.88
C GLU A 551 -30.56 17.26 -6.23
N ASP A 552 -29.76 16.21 -6.29
CA ASP A 552 -30.19 14.93 -5.75
C ASP A 552 -29.96 14.79 -4.24
N TYR A 553 -31.05 14.48 -3.55
CA TYR A 553 -31.06 14.22 -2.12
C TYR A 553 -29.96 13.25 -1.72
N GLU A 554 -29.65 12.32 -2.61
CA GLU A 554 -28.65 11.33 -2.29
C GLU A 554 -27.28 11.64 -2.82
N ASP A 555 -27.13 12.84 -3.37
CA ASP A 555 -25.86 13.20 -3.97
C ASP A 555 -24.74 13.00 -2.98
N GLY A 556 -23.76 12.22 -3.40
CA GLY A 556 -22.60 12.01 -2.59
C GLY A 556 -22.75 10.84 -1.65
N CYS A 557 -23.89 10.13 -1.64
CA CYS A 557 -23.91 8.91 -0.84
C CYS A 557 -23.00 7.85 -1.50
N ILE A 558 -21.98 7.44 -0.74
CA ILE A 558 -21.11 6.35 -1.10
C ILE A 558 -21.08 5.42 0.09
N LEU A 559 -21.49 4.18 -0.12
CA LEU A 559 -21.54 3.20 0.96
C LEU A 559 -22.45 3.72 2.07
N GLY A 560 -23.60 4.23 1.69
CA GLY A 560 -24.61 4.58 2.67
C GLY A 560 -24.52 5.98 3.27
N TYR A 561 -23.42 6.68 3.02
CA TYR A 561 -23.24 7.96 3.66
C TYR A 561 -22.41 8.96 2.88
N LYS A 562 -22.58 10.23 3.25
CA LYS A 562 -21.90 11.34 2.58
C LYS A 562 -20.91 11.91 3.57
N GLU A 563 -19.89 12.57 3.04
CA GLU A 563 -18.99 13.36 3.85
C GLU A 563 -18.85 14.75 3.28
N GLN A 564 -18.97 15.73 4.18
CA GLN A 564 -18.65 17.12 3.84
C GLN A 564 -17.44 17.55 4.61
N PHE A 565 -16.52 18.12 3.86
CA PHE A 565 -15.17 18.43 4.29
C PHE A 565 -15.02 19.93 4.42
N LEU A 566 -14.06 20.34 5.25
CA LEU A 566 -13.51 21.69 5.15
C LEU A 566 -12.14 21.48 4.49
N ARG A 567 -11.98 22.08 3.31
CA ARG A 567 -10.77 22.01 2.50
C ARG A 567 -10.16 23.40 2.43
N LEU A 568 -8.84 23.44 2.36
CA LEU A 568 -8.11 24.69 2.20
C LEU A 568 -8.36 25.26 0.82
N ARG A 569 -8.76 26.52 0.77
CA ARG A 569 -8.99 27.19 -0.51
C ARG A 569 -7.76 27.17 -1.41
N LYS A 570 -7.99 27.08 -2.71
CA LYS A 570 -6.90 27.20 -3.66
C LYS A 570 -6.25 28.55 -3.44
N SER A 571 -7.06 29.62 -3.44
CA SER A 571 -6.53 30.97 -3.33
C SER A 571 -5.69 31.20 -2.07
N SER A 572 -6.23 30.79 -0.92
CA SER A 572 -5.57 30.98 0.36
C SER A 572 -4.24 30.25 0.43
N MET A 573 -3.17 30.98 0.70
CA MET A 573 -1.87 30.35 0.92
C MET A 573 -1.46 30.54 2.37
N CYS A 574 -1.40 29.43 3.09
CA CYS A 574 -0.97 29.43 4.46
C CYS A 574 -0.62 28.01 4.83
N GLN A 575 0.11 27.86 5.92
CA GLN A 575 0.46 26.54 6.41
C GLN A 575 -0.72 25.93 7.15
N ASN A 576 -1.09 24.72 6.76
CA ASN A 576 -2.06 23.92 7.50
C ASN A 576 -1.56 23.63 8.91
N GLY A 577 -0.29 23.25 9.03
CA GLY A 577 0.30 22.94 10.33
C GLY A 577 0.46 21.45 10.57
N ARG A 578 1.44 21.09 11.40
CA ARG A 578 1.72 19.69 11.72
C ARG A 578 0.54 19.08 12.48
N ASP A 579 -0.15 19.88 13.27
CA ASP A 579 -1.26 19.37 14.04
C ASP A 579 -2.57 19.38 13.25
N TYR A 580 -2.52 19.73 11.97
CA TYR A 580 -3.74 19.88 11.16
C TYR A 580 -4.66 18.67 11.17
N VAL A 581 -5.96 18.93 11.34
CA VAL A 581 -6.96 17.86 11.42
C VAL A 581 -7.90 18.00 10.23
N VAL A 582 -8.05 16.94 9.46
CA VAL A 582 -9.01 16.97 8.38
C VAL A 582 -10.37 16.89 9.06
N THR A 583 -11.20 17.92 8.93
CA THR A 583 -12.50 17.89 9.58
C THR A 583 -13.60 17.58 8.55
N LYS A 584 -14.52 16.69 8.91
CA LYS A 584 -15.58 16.29 7.99
C LYS A 584 -16.82 15.86 8.75
N GLN A 585 -17.99 15.98 8.15
CA GLN A 585 -19.18 15.47 8.81
C GLN A 585 -19.86 14.45 7.94
N PRO A 586 -20.27 13.35 8.54
CA PRO A 586 -21.00 12.33 7.78
C PRO A 586 -22.52 12.65 7.68
N SER A 587 -23.15 12.35 6.54
CA SER A 587 -24.61 12.38 6.47
C SER A 587 -25.06 10.93 6.25
N ILE A 588 -26.02 10.43 7.02
CA ILE A 588 -26.40 9.02 6.87
C ILE A 588 -27.58 8.83 5.93
N CYS A 589 -27.29 8.20 4.79
CA CYS A 589 -28.30 8.00 3.76
C CYS A 589 -29.19 6.84 4.09
N LEU A 590 -30.42 6.93 3.57
CA LEU A 590 -31.39 5.84 3.61
C LEU A 590 -30.85 4.62 2.87
N CYS A 591 -30.93 3.44 3.50
CA CYS A 591 -30.59 2.19 2.81
C CYS A 591 -31.46 1.93 1.60
N SER A 592 -30.81 1.64 0.47
CA SER A 592 -31.50 1.14 -0.70
C SER A 592 -30.96 -0.26 -0.99
N LEU A 593 -31.50 -0.96 -1.98
CA LEU A 593 -30.98 -2.29 -2.30
C LEU A 593 -29.51 -2.19 -2.74
N GLU A 594 -29.11 -1.04 -3.28
CA GLU A 594 -27.76 -0.84 -3.78
C GLU A 594 -26.75 -0.88 -2.66
N ASP A 595 -27.25 -0.89 -1.42
CA ASP A 595 -26.42 -0.94 -0.22
C ASP A 595 -26.17 -2.39 0.22
N PHE A 596 -26.66 -3.33 -0.56
CA PHE A 596 -26.49 -4.72 -0.20
C PHE A 596 -25.76 -5.49 -1.28
N LEU A 597 -25.04 -6.53 -0.87
CA LEU A 597 -24.44 -7.45 -1.83
C LEU A 597 -25.22 -8.75 -1.70
N CYS A 598 -25.38 -9.46 -2.82
CA CYS A 598 -26.01 -10.78 -2.83
C CYS A 598 -25.22 -11.78 -2.00
N ASP A 599 -25.97 -12.46 -1.12
CA ASP A 599 -25.50 -13.53 -0.23
C ASP A 599 -25.40 -14.88 -0.94
N PHE A 600 -24.77 -15.87 -0.28
CA PHE A 600 -24.44 -17.08 -0.97
C PHE A 600 -25.61 -17.70 -1.70
N GLY A 601 -25.41 -18.04 -2.97
CA GLY A 601 -26.44 -18.70 -3.73
C GLY A 601 -27.51 -17.78 -4.23
N TYR A 602 -27.18 -16.50 -4.31
CA TYR A 602 -28.05 -15.48 -4.87
C TYR A 602 -27.27 -14.64 -5.87
N TYR A 603 -27.97 -13.99 -6.78
CA TYR A 603 -27.34 -13.19 -7.82
C TYR A 603 -28.27 -12.09 -8.31
N ARG A 604 -27.70 -11.03 -8.90
CA ARG A 604 -28.52 -10.03 -9.54
C ARG A 604 -28.55 -10.22 -11.03
N PRO A 605 -29.63 -10.82 -11.49
CA PRO A 605 -29.96 -10.92 -12.90
C PRO A 605 -30.39 -9.58 -13.38
N GLU A 606 -30.07 -9.25 -14.63
CA GLU A 606 -30.74 -8.16 -15.32
C GLU A 606 -30.43 -6.77 -14.78
N ASN A 607 -31.31 -5.85 -15.14
CA ASN A 607 -31.31 -4.50 -14.61
C ASN A 607 -31.61 -4.44 -13.11
N ASP A 608 -32.52 -5.30 -12.64
CA ASP A 608 -33.00 -5.16 -11.27
C ASP A 608 -31.84 -5.33 -10.33
N SER A 609 -31.92 -4.63 -9.21
CA SER A 609 -30.94 -4.75 -8.17
C SER A 609 -31.40 -5.76 -7.14
N LYS A 610 -32.54 -6.37 -7.40
CA LYS A 610 -33.06 -7.41 -6.53
C LYS A 610 -32.17 -8.64 -6.60
N CYS A 611 -31.73 -9.11 -5.44
CA CYS A 611 -30.97 -10.34 -5.33
C CYS A 611 -31.94 -11.51 -5.40
N VAL A 612 -31.75 -12.38 -6.39
CA VAL A 612 -32.62 -13.53 -6.59
C VAL A 612 -31.86 -14.85 -6.47
N GLU A 613 -32.57 -15.88 -6.04
CA GLU A 613 -31.99 -17.17 -5.76
C GLU A 613 -31.45 -17.85 -7.02
N GLN A 614 -30.24 -18.41 -6.92
CA GLN A 614 -29.68 -19.17 -8.04
C GLN A 614 -30.54 -20.40 -8.32
N PRO A 615 -30.78 -20.69 -9.61
CA PRO A 615 -31.54 -21.89 -9.96
C PRO A 615 -30.81 -23.14 -9.46
N GLU A 616 -29.50 -23.18 -9.70
CA GLU A 616 -28.63 -24.18 -9.10
C GLU A 616 -27.22 -23.61 -9.00
N LEU A 617 -26.49 -24.05 -7.98
CA LEU A 617 -25.10 -23.66 -7.77
C LEU A 617 -24.11 -24.49 -8.58
N LYS A 618 -23.23 -23.81 -9.31
CA LYS A 618 -22.22 -24.50 -10.08
C LYS A 618 -20.83 -23.99 -9.72
N GLY A 619 -19.81 -24.71 -10.19
CA GLY A 619 -18.43 -24.37 -9.90
C GLY A 619 -18.11 -24.28 -8.44
N HIS A 620 -17.41 -23.21 -8.07
CA HIS A 620 -16.95 -23.04 -6.71
C HIS A 620 -18.11 -22.72 -5.80
N ASP A 621 -19.21 -22.28 -6.40
CA ASP A 621 -20.43 -22.12 -5.63
C ASP A 621 -20.87 -23.49 -5.19
N LEU A 622 -20.86 -24.44 -6.13
CA LEU A 622 -21.22 -25.80 -5.79
C LEU A 622 -20.18 -26.45 -4.87
N GLU A 623 -18.91 -26.15 -5.08
CA GLU A 623 -17.90 -26.65 -4.14
C GLU A 623 -18.27 -26.19 -2.74
N PHE A 624 -18.48 -24.89 -2.58
CA PHE A 624 -18.70 -24.35 -1.25
C PHE A 624 -19.95 -24.97 -0.67
N CYS A 625 -20.99 -25.05 -1.50
CA CYS A 625 -22.29 -25.51 -1.04
C CYS A 625 -22.22 -26.91 -0.44
N LEU A 626 -21.37 -27.75 -1.01
CA LEU A 626 -21.13 -29.05 -0.40
C LEU A 626 -20.30 -28.86 0.87
N TYR A 627 -19.20 -28.14 0.75
CA TYR A 627 -18.17 -28.11 1.80
C TYR A 627 -18.17 -26.94 2.77
N GLY A 628 -19.17 -26.07 2.66
CA GLY A 628 -19.28 -24.96 3.59
C GLY A 628 -19.71 -25.39 4.98
N ARG A 629 -20.17 -24.41 5.76
CA ARG A 629 -20.67 -24.63 7.11
C ARG A 629 -21.97 -23.88 7.43
N GLU A 630 -22.54 -24.24 8.56
CA GLU A 630 -23.90 -23.89 8.91
C GLU A 630 -24.25 -22.38 8.75
N GLU A 631 -23.39 -21.50 9.28
CA GLU A 631 -23.65 -20.06 9.26
C GLU A 631 -23.89 -19.58 7.83
N HIS A 632 -22.88 -19.70 6.97
CA HIS A 632 -22.91 -19.14 5.61
C HIS A 632 -23.86 -19.83 4.62
N LEU A 633 -24.00 -21.16 4.72
CA LEU A 633 -24.89 -21.86 3.81
C LEU A 633 -26.34 -21.45 3.99
N THR A 634 -26.71 -21.18 5.24
CA THR A 634 -28.01 -20.63 5.53
C THR A 634 -27.90 -19.11 5.33
N THR A 635 -28.93 -18.48 4.78
CA THR A 635 -28.78 -17.08 4.40
C THR A 635 -30.06 -16.27 4.28
N ASN A 636 -29.89 -14.95 4.32
CA ASN A 636 -30.97 -14.00 4.05
C ASN A 636 -30.97 -13.51 2.59
N GLY A 637 -30.01 -13.99 1.79
CA GLY A 637 -29.94 -13.65 0.37
C GLY A 637 -29.31 -12.30 0.11
N TYR A 638 -29.19 -11.54 1.19
CA TYR A 638 -28.66 -10.18 1.19
C TYR A 638 -27.77 -10.00 2.39
N ARG A 639 -26.63 -9.36 2.17
CA ARG A 639 -25.84 -8.78 3.25
C ARG A 639 -25.48 -7.32 2.95
N LYS A 640 -25.45 -6.50 3.99
CA LYS A 640 -24.93 -5.15 3.86
C LYS A 640 -23.51 -5.17 3.30
N ILE A 641 -23.28 -4.35 2.29
CA ILE A 641 -21.94 -4.10 1.81
C ILE A 641 -21.10 -3.73 3.02
N PRO A 642 -19.92 -4.34 3.14
CA PRO A 642 -19.05 -4.04 4.29
C PRO A 642 -18.63 -2.57 4.28
N GLY A 643 -18.68 -1.93 5.44
CA GLY A 643 -18.31 -0.53 5.55
C GLY A 643 -19.45 0.41 5.18
N ASP A 644 -20.57 -0.18 4.78
CA ASP A 644 -21.72 0.61 4.37
C ASP A 644 -22.58 0.97 5.58
N LYS A 645 -22.70 2.27 5.80
CA LYS A 645 -23.26 2.80 7.02
C LYS A 645 -24.71 3.26 6.95
N CYS A 646 -25.40 2.95 5.86
CA CYS A 646 -26.76 3.46 5.65
C CYS A 646 -27.75 3.14 6.78
N GLN A 647 -28.71 4.01 7.01
CA GLN A 647 -29.71 3.75 8.05
C GLN A 647 -31.10 3.89 7.50
N GLY A 648 -32.00 3.07 8.03
CA GLY A 648 -33.40 3.19 7.69
C GLY A 648 -33.66 2.77 6.27
N GLY A 649 -34.71 3.34 5.69
CA GLY A 649 -35.18 2.91 4.39
C GLY A 649 -35.38 1.40 4.37
N VAL A 650 -34.77 0.75 3.38
CA VAL A 650 -34.93 -0.68 3.09
C VAL A 650 -34.01 -1.64 3.87
N ASN A 651 -34.61 -2.60 4.56
CA ASN A 651 -33.96 -3.77 5.09
C ASN A 651 -34.70 -4.93 4.41
N PRO A 652 -34.03 -5.79 3.61
CA PRO A 652 -34.88 -6.86 3.06
C PRO A 652 -35.55 -7.70 4.15
N VAL A 653 -36.87 -7.88 4.08
CA VAL A 653 -37.56 -8.73 5.02
C VAL A 653 -37.96 -10.07 4.38
N ARG A 654 -37.39 -11.13 4.94
CA ARG A 654 -37.60 -12.50 4.48
C ARG A 654 -36.82 -13.41 5.39
N GLU A 655 -37.21 -14.68 5.42
CA GLU A 655 -36.66 -15.58 6.39
C GLU A 655 -35.39 -16.24 5.89
N VAL A 656 -34.42 -16.35 6.80
CA VAL A 656 -33.20 -17.10 6.59
C VAL A 656 -33.59 -18.51 6.12
N LYS A 657 -32.95 -18.97 5.05
CA LYS A 657 -33.27 -20.26 4.47
C LYS A 657 -32.07 -21.16 4.72
N ASP A 658 -32.17 -22.43 4.37
CA ASP A 658 -31.03 -23.34 4.51
C ASP A 658 -30.71 -23.97 3.17
N LEU A 659 -29.51 -23.67 2.66
CA LEU A 659 -29.19 -24.02 1.29
C LEU A 659 -28.54 -25.38 1.13
N LYS A 660 -28.15 -26.03 2.23
CA LYS A 660 -27.45 -27.31 2.17
C LYS A 660 -28.29 -28.40 1.51
N LYS A 661 -29.60 -28.29 1.71
CA LYS A 661 -30.55 -29.23 1.16
C LYS A 661 -30.54 -29.09 -0.35
N LYS A 662 -30.57 -27.84 -0.82
CA LYS A 662 -30.60 -27.58 -2.25
C LYS A 662 -29.39 -28.12 -3.04
N CYS A 663 -28.18 -28.05 -2.48
CA CYS A 663 -27.03 -28.63 -3.17
C CYS A 663 -27.08 -30.15 -3.15
N THR A 664 -27.24 -30.73 -1.96
CA THR A 664 -27.28 -32.19 -1.80
C THR A 664 -28.52 -32.78 -2.45
N SER A 665 -29.47 -31.90 -2.75
CA SER A 665 -30.73 -32.27 -3.39
C SER A 665 -30.51 -33.22 -4.61
N ASN A 666 -29.49 -32.94 -5.40
CA ASN A 666 -29.23 -33.68 -6.64
C ASN A 666 -28.54 -35.02 -6.47
N PHE A 667 -27.73 -35.12 -5.41
CA PHE A 667 -26.98 -36.31 -5.05
C PHE A 667 -27.89 -37.37 -4.45
N LEU A 668 -27.61 -38.63 -4.78
CA LEU A 668 -28.16 -39.77 -4.04
C LEU A 668 -27.36 -39.89 -2.76
N SER A 669 -28.04 -40.00 -1.62
CA SER A 669 -27.36 -40.02 -0.34
C SER A 669 -27.48 -41.37 0.33
N PRO A 670 -26.49 -41.73 1.17
CA PRO A 670 -26.54 -42.97 1.97
C PRO A 670 -27.52 -42.85 3.14
N GLU A 671 -27.85 -43.99 3.75
CA GLU A 671 -28.85 -44.02 4.81
C GLU A 671 -28.37 -43.50 6.17
C1 NAG B . -7.48 2.61 1.39
C2 NAG B . -7.77 1.57 2.45
C3 NAG B . -8.57 2.20 3.59
C4 NAG B . -7.81 3.40 4.15
C5 NAG B . -7.54 4.37 2.99
C6 NAG B . -6.79 5.61 3.43
C7 NAG B . -8.19 -0.83 2.20
C8 NAG B . -9.07 -1.87 1.61
N2 NAG B . -8.50 0.43 1.89
O3 NAG B . -8.87 1.24 4.60
O4 NAG B . -8.56 4.08 5.16
O5 NAG B . -6.77 3.72 1.97
O6 NAG B . -5.58 5.22 4.06
O7 NAG B . -7.22 -1.10 2.93
C1 NAG B . -7.95 3.98 6.47
C2 NAG B . -8.57 5.06 7.35
C3 NAG B . -8.01 4.96 8.77
C4 NAG B . -8.01 3.52 9.29
C5 NAG B . -7.52 2.54 8.23
C6 NAG B . -7.76 1.10 8.62
C7 NAG B . -9.28 7.21 6.42
C8 NAG B . -8.84 8.54 5.89
N2 NAG B . -8.32 6.37 6.81
O3 NAG B . -8.83 5.78 9.60
O4 NAG B . -7.09 3.38 10.37
O5 NAG B . -8.20 2.75 7.00
O6 NAG B . -9.12 0.73 8.44
O7 NAG B . -10.47 6.89 6.48
C1 BMA B . -7.37 3.96 11.66
C2 BMA B . -8.86 3.93 12.05
C3 BMA B . -8.99 4.60 13.40
C4 BMA B . -8.11 3.88 14.42
C5 BMA B . -6.62 3.93 13.92
C6 BMA B . -5.61 3.21 14.81
O2 BMA B . -9.30 2.60 12.22
O3 BMA B . -10.35 4.67 13.84
O4 BMA B . -8.25 4.47 15.71
O5 BMA B . -6.56 3.33 12.64
O6 BMA B . -6.20 2.94 16.07
C1 MAN B . -6.26 1.51 16.33
C2 MAN B . -4.91 0.83 15.98
C3 MAN B . -4.97 -0.67 16.37
C4 MAN B . -6.27 -1.38 15.86
C5 MAN B . -7.57 -0.53 16.11
C6 MAN B . -8.08 -0.59 17.56
O2 MAN B . -3.81 1.40 16.71
O3 MAN B . -4.76 -0.89 17.78
O4 MAN B . -6.16 -1.72 14.48
O5 MAN B . -7.37 0.88 15.74
O6 MAN B . -9.49 -0.50 17.55
C1 NAG C . 11.42 21.69 9.13
C2 NAG C . 10.29 21.28 10.09
C3 NAG C . 10.56 21.76 11.53
C4 NAG C . 11.97 21.41 11.99
C5 NAG C . 12.99 21.85 10.95
C6 NAG C . 14.39 21.41 11.31
C7 NAG C . 7.89 21.03 9.61
C8 NAG C . 6.63 21.72 9.19
N2 NAG C . 8.99 21.79 9.64
O3 NAG C . 9.57 21.15 12.36
O4 NAG C . 12.32 22.12 13.19
O5 NAG C . 12.68 21.28 9.67
O6 NAG C . 15.35 21.98 10.43
O7 NAG C . 7.91 19.84 9.88
C1 NAG C . 11.70 21.72 14.45
C2 NAG C . 12.63 21.81 15.66
C3 NAG C . 11.90 21.24 16.89
C4 NAG C . 10.54 21.91 17.08
C5 NAG C . 9.75 21.92 15.77
C6 NAG C . 8.50 22.76 15.84
C7 NAG C . 14.97 21.72 14.93
C8 NAG C . 16.19 20.86 14.77
N2 NAG C . 13.88 21.13 15.44
O3 NAG C . 12.69 21.43 18.07
O4 NAG C . 9.77 21.19 18.03
O5 NAG C . 10.54 22.45 14.69
O6 NAG C . 8.49 23.73 14.81
O7 NAG C . 14.97 22.91 14.60
C1 BMA C . 9.87 21.43 19.46
C2 BMA C . 9.95 22.92 19.88
C3 BMA C . 9.31 23.14 21.29
C4 BMA C . 9.32 21.88 22.23
C5 BMA C . 8.89 20.56 21.51
C6 BMA C . 7.57 19.97 22.05
O2 BMA C . 9.24 23.80 19.00
O3 BMA C . 8.00 23.71 21.22
O4 BMA C . 10.60 21.71 22.84
O5 BMA C . 8.78 20.77 20.09
O6 BMA C . 6.76 21.02 22.58
O1 PG4 D . 20.79 6.30 -5.28
C1 PG4 D . 19.51 6.00 -4.79
C2 PG4 D . 19.20 6.37 -3.35
O2 PG4 D . 20.23 6.98 -2.60
C3 PG4 D . 20.35 8.37 -2.56
C4 PG4 D . 19.06 9.17 -2.46
O3 PG4 D . 18.25 8.95 -1.33
C5 PG4 D . 16.89 9.24 -1.38
C6 PG4 D . 15.94 8.14 -1.86
O4 PG4 D . 14.99 8.49 -2.83
C7 PG4 D . 14.32 7.51 -3.57
C8 PG4 D . 13.93 6.21 -2.88
O5 PG4 D . 14.56 5.03 -3.28
C10 2ET E . 0.66 -15.97 -2.75
C15 2ET E . 1.80 -12.25 -4.72
C17 2ET E . 1.61 -14.68 -4.74
C21 2ET E . 2.76 -14.79 -7.38
C22 2ET E . 2.56 -13.54 -6.76
O01 2ET E . -1.18 -18.08 -3.66
C02 2ET E . -1.12 -18.35 -2.44
O03 2ET E . -1.28 -19.53 -2.03
C04 2ET E . -0.86 -17.28 -1.46
C05 2ET E . -2.05 -17.14 -0.54
C06 2ET E . -1.82 -16.51 0.84
C07 2ET E . -3.00 -15.79 1.41
C08 2ET E . -0.57 -15.73 0.93
N09 2ET E . -0.65 -16.04 -2.16
C11 2ET E . 1.07 -14.65 -3.45
C12 2ET E . 0.89 -13.43 -2.79
O13 2ET E . 0.36 -13.39 -1.54
C14 2ET E . 1.25 -12.22 -3.43
C16 2ET E . 1.98 -13.48 -5.39
O18 2ET E . 1.80 -15.97 -5.41
C19 2ET E . 2.41 -16.03 -6.68
O20 2ET E . 2.65 -17.11 -7.19
C23 2ET E . 2.94 -12.29 -7.52
#